data_6UX3
#
_entry.id   6UX3
#
_cell.length_a   64.070
_cell.length_b   99.836
_cell.length_c   82.217
_cell.angle_alpha   90.000
_cell.angle_beta   98.890
_cell.angle_gamma   90.000
#
_symmetry.space_group_name_H-M   'P 1 21 1'
#
loop_
_entity.id
_entity.type
_entity.pdbx_description
1 polymer 'Acetoin dehydrogenase'
2 non-polymer DI(HYDROXYETHYL)ETHER
3 non-polymer GLYCEROL
4 water water
#
_entity_poly.entity_id   1
_entity_poly.type   'polypeptide(L)'
_entity_poly.pdbx_seq_one_letter_code
;SNAMTKVAIVTASDSGIGKTTALMLAERGFDIGVTWHSDEQGARDTCREVEAQGRRAEAIHLDLSTLPQGAQAIETLIAR
FGRLDVLVNNAGAMTKAPFLDMPFDDWRNIFTVDVDGAFLCSQIAARKMVEQGEGGRIVNITSVHEHTPLPEASAYTAAK
HALGGLTKSMALELVQHNILVNAVAPGAIATPMNDMDESEVKEGSMPAIPLARPGYTKEIASLVAWLCDSDASYTTGQSF
IVDGGFMLANPQFKPEG
;
_entity_poly.pdbx_strand_id   A,B,C,D
#
loop_
_chem_comp.id
_chem_comp.type
_chem_comp.name
_chem_comp.formula
GOL non-polymer GLYCEROL 'C3 H8 O3'
PEG non-polymer DI(HYDROXYETHYL)ETHER 'C4 H10 O3'
#
# COMPACT_ATOMS: atom_id res chain seq x y z
N MET A 4 35.86 2.81 18.84
CA MET A 4 35.50 4.13 18.36
C MET A 4 34.90 4.07 16.95
N THR A 5 35.52 3.29 16.06
CA THR A 5 35.00 3.11 14.73
C THR A 5 33.73 2.28 14.75
N LYS A 6 32.69 2.75 14.05
CA LYS A 6 31.44 2.03 13.99
C LYS A 6 31.58 0.72 13.21
N VAL A 7 30.74 -0.26 13.57
CA VAL A 7 30.87 -1.63 13.08
C VAL A 7 29.57 -2.04 12.41
N ALA A 8 29.69 -2.65 11.22
CA ALA A 8 28.55 -3.13 10.44
C ALA A 8 28.74 -4.61 10.14
N ILE A 9 27.73 -5.42 10.46
CA ILE A 9 27.71 -6.84 10.14
C ILE A 9 26.80 -7.05 8.94
N VAL A 10 27.34 -7.57 7.85
CA VAL A 10 26.60 -7.79 6.62
C VAL A 10 26.59 -9.29 6.34
N THR A 11 25.46 -9.93 6.58
CA THR A 11 25.34 -11.35 6.32
C THR A 11 25.43 -11.64 4.82
N ALA A 12 25.95 -12.83 4.49
CA ALA A 12 26.08 -13.29 3.10
C ALA A 12 26.82 -12.27 2.23
N SER A 13 27.87 -11.66 2.80
CA SER A 13 28.66 -10.66 2.09
C SER A 13 29.86 -11.27 1.36
N ASP A 14 29.82 -12.57 1.07
CA ASP A 14 30.88 -13.20 0.30
C ASP A 14 30.78 -12.92 -1.19
N SER A 15 29.59 -12.57 -1.68
CA SER A 15 29.38 -12.33 -3.10
C SER A 15 28.05 -11.62 -3.30
N GLY A 16 27.89 -11.05 -4.49
CA GLY A 16 26.59 -10.49 -4.87
C GLY A 16 26.30 -9.19 -4.17
N ILE A 17 25.04 -9.04 -3.75
CA ILE A 17 24.60 -7.78 -3.14
C ILE A 17 25.22 -7.59 -1.77
N GLY A 18 25.39 -8.68 -1.01
CA GLY A 18 26.02 -8.56 0.29
C GLY A 18 27.44 -8.06 0.23
N LYS A 19 28.23 -8.57 -0.72
CA LYS A 19 29.63 -8.14 -0.82
C LYS A 19 29.72 -6.69 -1.27
N THR A 20 28.89 -6.29 -2.23
CA THR A 20 28.87 -4.90 -2.68
C THR A 20 28.45 -3.97 -1.55
N THR A 21 27.55 -4.42 -0.67
CA THR A 21 27.17 -3.62 0.49
C THR A 21 28.33 -3.50 1.47
N ALA A 22 29.03 -4.60 1.73
CA ALA A 22 30.17 -4.57 2.64
C ALA A 22 31.24 -3.61 2.13
N LEU A 23 31.50 -3.62 0.83
CA LEU A 23 32.45 -2.67 0.26
C LEU A 23 31.99 -1.24 0.44
N MET A 24 30.70 -0.98 0.17
CA MET A 24 30.20 0.38 0.27
C MET A 24 30.15 0.86 1.72
N LEU A 25 29.86 -0.04 2.66
CA LEU A 25 29.90 0.36 4.07
C LEU A 25 31.33 0.59 4.53
N ALA A 26 32.29 -0.12 3.93
CA ALA A 26 33.68 0.17 4.24
C ALA A 26 34.13 1.50 3.65
N GLU A 27 33.61 1.86 2.47
CA GLU A 27 33.91 3.17 1.90
C GLU A 27 33.41 4.28 2.81
N ARG A 28 32.23 4.10 3.41
CA ARG A 28 31.67 5.10 4.31
C ARG A 28 32.32 5.11 5.69
N GLY A 29 33.22 4.17 5.96
CA GLY A 29 33.99 4.17 7.19
C GLY A 29 33.63 3.14 8.24
N PHE A 30 32.93 2.07 7.88
CA PHE A 30 32.53 1.05 8.85
C PHE A 30 33.53 -0.11 8.85
N ASP A 31 33.82 -0.61 10.05
CA ASP A 31 34.46 -1.91 10.17
C ASP A 31 33.43 -3.00 9.86
N ILE A 32 33.81 -3.97 9.03
CA ILE A 32 32.85 -4.89 8.44
C ILE A 32 33.01 -6.27 9.06
N GLY A 33 31.90 -6.85 9.53
CA GLY A 33 31.84 -8.24 9.89
C GLY A 33 31.24 -9.06 8.78
N VAL A 34 32.06 -9.86 8.11
CA VAL A 34 31.65 -10.61 6.93
C VAL A 34 31.18 -11.99 7.35
N THR A 35 30.10 -12.47 6.73
N THR A 35 30.15 -12.49 6.65
CA THR A 35 29.63 -13.82 6.96
CA THR A 35 29.52 -13.78 6.94
C THR A 35 29.53 -14.55 5.63
C THR A 35 29.37 -14.55 5.64
N TRP A 36 29.57 -15.87 5.71
CA TRP A 36 29.51 -16.73 4.53
C TRP A 36 28.86 -18.05 4.90
N HIS A 37 28.21 -18.67 3.90
CA HIS A 37 27.60 -19.98 4.07
C HIS A 37 28.54 -21.09 3.61
N SER A 38 29.15 -20.95 2.44
CA SER A 38 30.07 -21.95 1.93
C SER A 38 31.27 -21.30 1.24
N ASP A 39 31.00 -20.33 0.35
CA ASP A 39 32.05 -19.67 -0.41
C ASP A 39 32.91 -18.84 0.53
N GLU A 40 33.81 -19.53 1.25
CA GLU A 40 34.66 -18.84 2.21
C GLU A 40 35.74 -18.03 1.50
N GLN A 41 36.25 -18.52 0.36
CA GLN A 41 37.22 -17.76 -0.40
C GLN A 41 36.63 -16.44 -0.87
N GLY A 42 35.35 -16.46 -1.27
CA GLY A 42 34.67 -15.23 -1.60
C GLY A 42 34.59 -14.27 -0.41
N ALA A 43 34.45 -14.82 0.80
CA ALA A 43 34.49 -13.99 2.00
C ALA A 43 35.89 -13.46 2.25
N ARG A 44 36.91 -14.29 2.04
CA ARG A 44 38.29 -13.83 2.19
C ARG A 44 38.60 -12.71 1.21
N ASP A 45 38.09 -12.81 -0.02
CA ASP A 45 38.25 -11.72 -0.97
C ASP A 45 37.59 -10.45 -0.46
N THR A 46 36.38 -10.57 0.10
CA THR A 46 35.69 -9.40 0.64
C THR A 46 36.47 -8.81 1.81
N CYS A 47 36.99 -9.66 2.70
CA CYS A 47 37.76 -9.16 3.84
C CYS A 47 39.00 -8.41 3.38
N ARG A 48 39.69 -8.94 2.36
N ARG A 48 39.69 -8.94 2.36
CA ARG A 48 40.90 -8.25 1.87
CA ARG A 48 40.90 -8.25 1.87
C ARG A 48 40.55 -6.93 1.22
C ARG A 48 40.55 -6.93 1.21
N GLU A 49 39.46 -6.89 0.45
CA GLU A 49 39.06 -5.64 -0.19
C GLU A 49 38.61 -4.61 0.86
N VAL A 50 38.05 -5.07 1.98
CA VAL A 50 37.72 -4.15 3.06
C VAL A 50 38.98 -3.65 3.75
N GLU A 51 39.92 -4.57 4.01
CA GLU A 51 41.19 -4.17 4.60
C GLU A 51 41.98 -3.27 3.66
N ALA A 52 41.89 -3.49 2.35
CA ALA A 52 42.54 -2.62 1.39
C ALA A 52 41.99 -1.20 1.41
N GLN A 53 40.82 -0.99 2.03
CA GLN A 53 40.26 0.33 2.22
C GLN A 53 40.75 1.00 3.51
N GLY A 54 41.61 0.34 4.27
CA GLY A 54 42.03 0.88 5.55
C GLY A 54 41.05 0.68 6.67
N ARG A 55 40.31 -0.44 6.65
CA ARG A 55 39.32 -0.72 7.68
C ARG A 55 39.47 -2.17 8.12
N ARG A 56 39.01 -2.44 9.34
CA ARG A 56 39.10 -3.79 9.90
C ARG A 56 37.97 -4.66 9.35
N ALA A 57 38.31 -5.91 9.01
CA ALA A 57 37.35 -6.86 8.48
C ALA A 57 37.51 -8.20 9.21
N GLU A 58 36.41 -8.71 9.76
CA GLU A 58 36.37 -10.01 10.40
C GLU A 58 35.37 -10.90 9.66
N ALA A 59 35.73 -12.17 9.51
CA ALA A 59 34.87 -13.14 8.84
C ALA A 59 34.51 -14.25 9.81
N ILE A 60 33.35 -14.88 9.56
CA ILE A 60 32.86 -15.98 10.39
C ILE A 60 31.86 -16.77 9.57
N HIS A 61 31.65 -18.03 9.96
CA HIS A 61 30.68 -18.90 9.32
C HIS A 61 29.37 -18.85 10.09
N LEU A 62 28.27 -18.78 9.36
CA LEU A 62 26.93 -18.72 9.95
C LEU A 62 25.98 -19.48 9.06
N ASP A 63 25.36 -20.52 9.61
CA ASP A 63 24.46 -21.41 8.87
C ASP A 63 23.04 -21.17 9.37
N LEU A 64 22.28 -20.38 8.61
CA LEU A 64 20.93 -20.02 9.03
C LEU A 64 19.90 -21.09 8.69
N SER A 65 20.29 -22.18 8.07
CA SER A 65 19.36 -23.28 7.79
C SER A 65 19.12 -24.15 9.01
N THR A 66 19.85 -23.94 10.11
CA THR A 66 19.68 -24.69 11.34
C THR A 66 19.65 -23.70 12.49
N LEU A 67 18.49 -23.53 13.10
CA LEU A 67 18.26 -22.50 14.10
C LEU A 67 17.73 -23.11 15.39
N PRO A 68 17.92 -22.44 16.53
CA PRO A 68 18.59 -21.14 16.70
C PRO A 68 20.10 -21.23 16.82
N GLN A 69 20.64 -22.46 16.71
CA GLN A 69 22.06 -22.66 16.95
C GLN A 69 22.91 -21.95 15.91
N GLY A 70 22.56 -22.06 14.63
CA GLY A 70 23.29 -21.39 13.57
C GLY A 70 23.31 -19.87 13.63
N ALA A 71 22.60 -19.24 14.58
CA ALA A 71 22.57 -17.79 14.69
C ALA A 71 23.52 -17.24 15.75
N GLN A 72 24.12 -18.09 16.57
CA GLN A 72 25.03 -17.65 17.62
C GLN A 72 26.33 -17.05 17.07
N ALA A 73 26.64 -17.27 15.80
CA ALA A 73 27.84 -16.68 15.21
C ALA A 73 27.79 -15.16 15.20
N ILE A 74 26.60 -14.57 15.25
CA ILE A 74 26.48 -13.12 15.36
C ILE A 74 27.01 -12.66 16.71
N GLU A 75 26.70 -13.40 17.79
CA GLU A 75 27.22 -13.06 19.11
C GLU A 75 28.75 -13.07 19.11
N THR A 76 29.34 -14.10 18.50
CA THR A 76 30.80 -14.22 18.45
C THR A 76 31.41 -13.09 17.64
N LEU A 77 30.81 -12.77 16.49
CA LEU A 77 31.33 -11.68 15.67
C LEU A 77 31.26 -10.33 16.40
N ILE A 78 30.21 -10.13 17.20
CA ILE A 78 30.10 -8.87 17.95
C ILE A 78 31.22 -8.77 18.98
N ALA A 79 31.51 -9.87 19.66
CA ALA A 79 32.55 -9.87 20.69
C ALA A 79 33.93 -9.61 20.10
N ARG A 80 34.17 -10.04 18.85
CA ARG A 80 35.46 -9.75 18.22
C ARG A 80 35.67 -8.26 17.97
N PHE A 81 34.59 -7.49 17.86
CA PHE A 81 34.69 -6.05 17.66
C PHE A 81 34.50 -5.25 18.95
N GLY A 82 33.70 -5.76 19.88
CA GLY A 82 33.39 -5.03 21.10
C GLY A 82 32.23 -4.07 21.00
N ARG A 83 31.66 -3.89 19.81
CA ARG A 83 30.49 -3.02 19.63
C ARG A 83 29.79 -3.41 18.33
N LEU A 84 28.58 -2.89 18.17
CA LEU A 84 27.83 -3.10 16.95
C LEU A 84 26.96 -1.89 16.68
N ASP A 85 26.97 -1.43 15.43
CA ASP A 85 26.17 -0.29 15.03
C ASP A 85 25.18 -0.59 13.92
N VAL A 86 25.50 -1.49 12.99
CA VAL A 86 24.69 -1.75 11.81
C VAL A 86 24.59 -3.26 11.60
N LEU A 87 23.38 -3.73 11.30
CA LEU A 87 23.18 -5.11 10.86
C LEU A 87 22.37 -5.08 9.56
N VAL A 88 22.92 -5.70 8.52
CA VAL A 88 22.24 -5.87 7.25
C VAL A 88 21.90 -7.35 7.11
N ASN A 89 20.63 -7.70 7.28
CA ASN A 89 20.15 -9.05 7.04
C ASN A 89 19.90 -9.23 5.55
N ASN A 90 20.78 -9.98 4.88
CA ASN A 90 20.70 -10.16 3.44
C ASN A 90 19.85 -11.38 3.11
N ALA A 91 19.28 -11.35 1.90
CA ALA A 91 18.32 -12.35 1.45
C ALA A 91 19.02 -13.47 0.66
N GLY A 92 18.58 -14.70 0.89
CA GLY A 92 19.09 -15.86 0.17
C GLY A 92 18.53 -15.95 -1.24
N ALA A 93 18.60 -17.14 -1.81
CA ALA A 93 18.09 -17.37 -3.15
C ALA A 93 16.63 -17.78 -3.13
N MET A 94 15.95 -17.55 -4.25
CA MET A 94 14.55 -17.88 -4.41
C MET A 94 14.40 -19.25 -5.06
N THR A 95 13.45 -20.04 -4.55
CA THR A 95 13.15 -21.38 -5.06
C THR A 95 11.68 -21.44 -5.46
N LYS A 96 11.41 -22.00 -6.64
CA LYS A 96 10.05 -22.14 -7.13
C LYS A 96 9.50 -23.52 -6.75
N ALA A 97 8.22 -23.54 -6.36
CA ALA A 97 7.52 -24.77 -5.96
C ALA A 97 6.02 -24.56 -6.04
N PRO A 98 5.32 -25.24 -6.95
CA PRO A 98 3.87 -25.07 -7.07
C PRO A 98 3.15 -25.29 -5.75
N PHE A 99 2.05 -24.53 -5.58
CA PHE A 99 1.38 -24.47 -4.28
C PHE A 99 0.66 -25.77 -3.93
N LEU A 100 0.01 -26.40 -4.92
CA LEU A 100 -0.89 -27.52 -4.62
C LEU A 100 -0.15 -28.72 -4.04
N ASP A 101 1.10 -28.93 -4.45
CA ASP A 101 1.83 -30.15 -4.09
C ASP A 101 3.08 -29.84 -3.26
N MET A 102 3.18 -28.65 -2.69
CA MET A 102 4.41 -28.29 -1.99
C MET A 102 4.49 -29.05 -0.67
N PRO A 103 5.58 -29.78 -0.42
CA PRO A 103 5.76 -30.43 0.88
C PRO A 103 5.79 -29.42 2.01
N PHE A 104 5.25 -29.85 3.16
CA PHE A 104 5.16 -28.96 4.32
C PHE A 104 6.53 -28.57 4.84
N ASP A 105 7.51 -29.47 4.78
CA ASP A 105 8.84 -29.15 5.27
C ASP A 105 9.58 -28.21 4.33
N ASP A 106 9.28 -28.25 3.02
CA ASP A 106 9.82 -27.24 2.12
C ASP A 106 9.23 -25.87 2.39
N TRP A 107 7.94 -25.82 2.75
CA TRP A 107 7.34 -24.54 3.12
C TRP A 107 7.96 -23.99 4.40
N ARG A 108 8.20 -24.85 5.39
CA ARG A 108 8.79 -24.39 6.64
C ARG A 108 10.26 -24.04 6.49
N ASN A 109 10.97 -24.68 5.56
CA ASN A 109 12.39 -24.37 5.39
C ASN A 109 12.60 -22.99 4.78
N ILE A 110 11.71 -22.59 3.88
CA ILE A 110 11.83 -21.26 3.28
C ILE A 110 11.60 -20.18 4.34
N PHE A 111 10.64 -20.38 5.25
CA PHE A 111 10.48 -19.44 6.35
C PHE A 111 11.70 -19.45 7.27
N THR A 112 12.33 -20.61 7.44
CA THR A 112 13.52 -20.67 8.30
C THR A 112 14.66 -19.83 7.72
N VAL A 113 14.86 -19.92 6.40
CA VAL A 113 15.95 -19.19 5.77
C VAL A 113 15.60 -17.72 5.53
N ASP A 114 14.34 -17.42 5.21
CA ASP A 114 13.96 -16.10 4.70
C ASP A 114 13.34 -15.17 5.75
N VAL A 115 13.06 -15.65 6.97
CA VAL A 115 12.58 -14.73 7.99
C VAL A 115 13.06 -15.15 9.38
N ASP A 116 13.19 -16.46 9.63
CA ASP A 116 13.60 -16.91 10.96
C ASP A 116 15.03 -16.49 11.27
N GLY A 117 15.94 -16.66 10.31
CA GLY A 117 17.32 -16.24 10.53
C GLY A 117 17.44 -14.75 10.80
N ALA A 118 16.77 -13.92 10.00
CA ALA A 118 16.82 -12.47 10.21
C ALA A 118 16.23 -12.09 11.56
N PHE A 119 15.21 -12.80 12.01
CA PHE A 119 14.61 -12.51 13.31
C PHE A 119 15.62 -12.73 14.44
N LEU A 120 16.31 -13.88 14.42
CA LEU A 120 17.27 -14.18 15.46
C LEU A 120 18.49 -13.26 15.38
N CYS A 121 19.00 -13.02 14.18
CA CYS A 121 20.13 -12.11 14.03
C CYS A 121 19.78 -10.69 14.47
N SER A 122 18.53 -10.27 14.24
CA SER A 122 18.14 -8.91 14.65
C SER A 122 17.99 -8.81 16.16
N GLN A 123 17.50 -9.87 16.81
CA GLN A 123 17.40 -9.88 18.26
C GLN A 123 18.77 -9.69 18.90
N ILE A 124 19.76 -10.47 18.44
CA ILE A 124 21.10 -10.35 19.01
C ILE A 124 21.68 -8.97 18.76
N ALA A 125 21.47 -8.44 17.55
CA ALA A 125 21.98 -7.11 17.22
C ALA A 125 21.29 -6.04 18.05
N ALA A 126 19.96 -6.12 18.16
CA ALA A 126 19.21 -5.07 18.85
C ALA A 126 19.58 -5.00 20.33
N ARG A 127 19.77 -6.16 20.97
CA ARG A 127 20.20 -6.19 22.36
C ARG A 127 21.48 -5.38 22.55
N LYS A 128 22.52 -5.70 21.78
CA LYS A 128 23.79 -5.01 21.91
C LYS A 128 23.63 -3.50 21.70
N MET A 129 22.79 -3.11 20.74
CA MET A 129 22.59 -1.70 20.46
C MET A 129 21.85 -1.00 21.60
N VAL A 130 20.96 -1.72 22.29
CA VAL A 130 20.28 -1.13 23.43
C VAL A 130 21.25 -0.88 24.57
N GLU A 131 22.17 -1.82 24.82
CA GLU A 131 23.19 -1.62 25.85
C GLU A 131 24.00 -0.37 25.59
N GLN A 132 24.52 -0.23 24.36
CA GLN A 132 25.40 0.90 24.04
C GLN A 132 24.69 2.24 24.21
N GLY A 133 23.38 2.28 23.98
CA GLY A 133 22.65 3.52 24.10
C GLY A 133 23.06 4.59 23.11
N GLU A 134 23.66 4.19 21.98
CA GLU A 134 24.08 5.12 20.95
C GLU A 134 23.27 4.95 19.66
N GLY A 135 22.19 4.19 19.69
CA GLY A 135 21.38 3.93 18.52
C GLY A 135 21.88 2.76 17.70
N GLY A 136 21.27 2.60 16.54
CA GLY A 136 21.68 1.54 15.63
C GLY A 136 20.83 1.57 14.38
N ARG A 137 21.26 0.76 13.40
CA ARG A 137 20.54 0.60 12.14
C ARG A 137 20.45 -0.87 11.81
N ILE A 138 19.24 -1.34 11.52
CA ILE A 138 19.02 -2.70 11.04
C ILE A 138 18.29 -2.62 9.71
N VAL A 139 18.90 -3.17 8.66
CA VAL A 139 18.32 -3.16 7.32
C VAL A 139 18.09 -4.60 6.89
N ASN A 140 16.84 -4.93 6.58
CA ASN A 140 16.46 -6.25 6.10
C ASN A 140 16.31 -6.20 4.58
N ILE A 141 17.01 -7.08 3.87
CA ILE A 141 16.86 -7.18 2.42
C ILE A 141 15.68 -8.08 2.13
N THR A 142 14.62 -7.50 1.54
CA THR A 142 13.46 -8.31 1.19
C THR A 142 13.44 -8.57 -0.32
N SER A 143 12.42 -8.06 -1.00
CA SER A 143 12.16 -8.29 -2.42
C SER A 143 10.91 -7.52 -2.78
N VAL A 144 10.72 -7.28 -4.08
CA VAL A 144 9.42 -6.76 -4.53
C VAL A 144 8.30 -7.69 -4.13
N HIS A 145 8.61 -8.98 -3.95
CA HIS A 145 7.63 -9.96 -3.51
C HIS A 145 7.33 -9.88 -2.02
N GLU A 146 7.87 -8.87 -1.34
CA GLU A 146 7.28 -8.43 -0.08
C GLU A 146 5.90 -7.82 -0.32
N HIS A 147 5.60 -7.43 -1.56
CA HIS A 147 4.39 -6.66 -1.86
C HIS A 147 3.53 -7.26 -2.97
N THR A 148 4.08 -8.08 -3.87
CA THR A 148 3.35 -8.62 -5.02
C THR A 148 3.80 -10.06 -5.25
N PRO A 149 2.89 -10.96 -5.62
CA PRO A 149 3.22 -12.39 -5.62
C PRO A 149 4.14 -12.78 -6.78
N LEU A 150 5.01 -13.76 -6.50
CA LEU A 150 5.86 -14.35 -7.52
C LEU A 150 5.26 -15.69 -7.94
N PRO A 151 4.94 -15.88 -9.22
CA PRO A 151 4.29 -17.12 -9.64
C PRO A 151 5.12 -18.35 -9.29
N GLU A 152 4.44 -19.40 -8.82
CA GLU A 152 5.05 -20.68 -8.46
C GLU A 152 6.03 -20.55 -7.30
N ALA A 153 5.85 -19.54 -6.45
CA ALA A 153 6.74 -19.30 -5.32
C ALA A 153 5.93 -18.69 -4.17
N SER A 154 4.94 -19.46 -3.69
CA SER A 154 4.05 -18.96 -2.65
C SER A 154 4.77 -18.86 -1.31
N ALA A 155 5.64 -19.82 -1.00
CA ALA A 155 6.36 -19.77 0.28
C ALA A 155 7.36 -18.63 0.30
N TYR A 156 8.05 -18.39 -0.81
CA TYR A 156 8.98 -17.27 -0.88
C TYR A 156 8.24 -15.94 -0.74
N THR A 157 7.08 -15.83 -1.37
CA THR A 157 6.28 -14.60 -1.29
C THR A 157 5.77 -14.39 0.13
N ALA A 158 5.32 -15.46 0.79
CA ALA A 158 4.79 -15.33 2.15
C ALA A 158 5.90 -14.99 3.14
N ALA A 159 7.08 -15.59 2.99
CA ALA A 159 8.19 -15.29 3.89
C ALA A 159 8.68 -13.85 3.70
N LYS A 160 8.71 -13.37 2.47
CA LYS A 160 9.08 -11.97 2.22
C LYS A 160 8.06 -11.02 2.83
N HIS A 161 6.77 -11.36 2.77
CA HIS A 161 5.76 -10.54 3.44
C HIS A 161 5.95 -10.56 4.96
N ALA A 162 6.31 -11.73 5.51
CA ALA A 162 6.54 -11.83 6.95
C ALA A 162 7.73 -10.98 7.38
N LEU A 163 8.81 -10.99 6.59
CA LEU A 163 9.97 -10.17 6.92
C LEU A 163 9.63 -8.69 6.82
N GLY A 164 8.79 -8.32 5.86
CA GLY A 164 8.32 -6.94 5.79
C GLY A 164 7.51 -6.55 7.01
N GLY A 165 6.71 -7.48 7.54
CA GLY A 165 5.94 -7.18 8.74
C GLY A 165 6.80 -7.12 9.99
N LEU A 166 7.80 -8.00 10.07
CA LEU A 166 8.78 -7.92 11.15
C LEU A 166 9.54 -6.60 11.13
N THR A 167 9.83 -6.07 9.94
CA THR A 167 10.55 -4.81 9.83
C THR A 167 9.74 -3.68 10.47
N LYS A 168 8.45 -3.59 10.14
CA LYS A 168 7.60 -2.59 10.76
C LYS A 168 7.55 -2.76 12.27
N SER A 169 7.39 -4.00 12.74
CA SER A 169 7.28 -4.23 14.18
C SER A 169 8.57 -3.84 14.90
N MET A 170 9.70 -4.33 14.41
CA MET A 170 10.99 -3.97 14.99
C MET A 170 11.18 -2.46 15.03
N ALA A 171 10.82 -1.78 13.94
CA ALA A 171 11.02 -0.33 13.90
C ALA A 171 10.20 0.38 14.96
N LEU A 172 9.01 -0.13 15.25
CA LEU A 172 8.15 0.51 16.24
C LEU A 172 8.63 0.24 17.66
N GLU A 173 9.04 -0.99 17.96
CA GLU A 173 9.44 -1.35 19.33
C GLU A 173 10.83 -0.84 19.69
N LEU A 174 11.67 -0.55 18.71
CA LEU A 174 13.03 -0.10 18.96
C LEU A 174 13.20 1.40 18.77
N VAL A 175 12.13 2.12 18.41
CA VAL A 175 12.25 3.54 18.11
C VAL A 175 12.68 4.33 19.35
N GLN A 176 12.38 3.83 20.55
CA GLN A 176 12.80 4.52 21.76
C GLN A 176 14.32 4.50 21.92
N HIS A 177 14.97 3.42 21.46
CA HIS A 177 16.42 3.29 21.56
C HIS A 177 17.15 3.88 20.36
N ASN A 178 16.44 4.60 19.49
CA ASN A 178 17.02 5.18 18.27
C ASN A 178 17.65 4.11 17.39
N ILE A 179 17.03 2.92 17.36
CA ILE A 179 17.41 1.85 16.45
C ILE A 179 16.43 1.88 15.30
N LEU A 180 16.88 2.32 14.14
CA LEU A 180 16.03 2.49 12.98
C LEU A 180 16.08 1.24 12.10
N VAL A 181 14.91 0.71 11.77
CA VAL A 181 14.79 -0.56 11.07
C VAL A 181 14.00 -0.32 9.79
N ASN A 182 14.61 -0.68 8.65
CA ASN A 182 14.00 -0.49 7.35
C ASN A 182 14.29 -1.72 6.49
N ALA A 183 13.55 -1.83 5.40
CA ALA A 183 13.74 -2.90 4.43
C ALA A 183 14.05 -2.31 3.07
N VAL A 184 14.95 -2.97 2.34
CA VAL A 184 15.17 -2.66 0.92
C VAL A 184 14.63 -3.84 0.12
N ALA A 185 13.78 -3.53 -0.86
CA ALA A 185 13.05 -4.50 -1.65
C ALA A 185 13.56 -4.48 -3.08
N PRO A 186 14.56 -5.30 -3.40
CA PRO A 186 15.09 -5.31 -4.77
C PRO A 186 14.16 -6.02 -5.75
N GLY A 187 14.19 -5.55 -6.99
CA GLY A 187 13.57 -6.28 -8.07
C GLY A 187 14.51 -7.36 -8.60
N ALA A 188 14.57 -7.51 -9.92
CA ALA A 188 15.48 -8.47 -10.52
C ALA A 188 16.93 -8.05 -10.33
N ILE A 189 17.75 -8.95 -9.80
CA ILE A 189 19.17 -8.69 -9.56
C ILE A 189 20.00 -9.46 -10.58
N ALA A 190 20.91 -8.76 -11.26
CA ALA A 190 21.78 -9.40 -12.24
C ALA A 190 22.66 -10.46 -11.58
N THR A 191 22.97 -11.50 -12.35
CA THR A 191 23.81 -12.58 -11.87
C THR A 191 25.24 -12.08 -11.61
N PRO A 192 26.01 -12.82 -10.81
CA PRO A 192 27.41 -12.41 -10.58
C PRO A 192 28.22 -12.25 -11.86
N MET A 193 27.91 -13.01 -12.91
CA MET A 193 28.60 -12.83 -14.18
C MET A 193 28.25 -11.49 -14.83
N ASN A 194 27.00 -11.06 -14.71
CA ASN A 194 26.55 -9.80 -15.28
C ASN A 194 26.48 -8.70 -14.23
N GLU A 203 21.08 -4.63 -21.28
CA GLU A 203 20.35 -3.54 -21.91
C GLU A 203 19.29 -4.10 -22.85
N GLY A 204 18.02 -4.01 -22.45
CA GLY A 204 16.93 -4.55 -23.23
C GLY A 204 16.69 -6.03 -23.04
N SER A 205 17.43 -6.70 -22.15
CA SER A 205 17.36 -8.15 -22.00
C SER A 205 16.11 -8.61 -21.25
N MET A 206 15.45 -7.74 -20.50
CA MET A 206 14.25 -8.10 -19.73
C MET A 206 13.14 -7.13 -20.04
N PRO A 207 12.54 -7.23 -21.23
CA PRO A 207 11.54 -6.21 -21.64
C PRO A 207 10.29 -6.18 -20.78
N ALA A 208 10.01 -7.22 -19.99
CA ALA A 208 8.85 -7.19 -19.11
C ALA A 208 8.98 -6.10 -18.04
N ILE A 209 10.20 -5.78 -17.63
CA ILE A 209 10.48 -4.71 -16.67
C ILE A 209 10.49 -3.38 -17.40
N PRO A 210 9.88 -2.32 -16.86
CA PRO A 210 9.90 -1.03 -17.58
C PRO A 210 11.29 -0.54 -17.93
N LEU A 211 12.27 -0.73 -17.04
CA LEU A 211 13.63 -0.33 -17.35
C LEU A 211 14.32 -1.32 -18.29
N ALA A 212 13.73 -2.49 -18.52
CA ALA A 212 14.13 -3.45 -19.55
C ALA A 212 15.48 -4.10 -19.26
N ARG A 213 15.84 -4.29 -18.00
CA ARG A 213 17.08 -4.95 -17.63
C ARG A 213 17.05 -5.26 -16.14
N PRO A 214 17.84 -6.23 -15.69
CA PRO A 214 18.03 -6.41 -14.25
C PRO A 214 18.88 -5.29 -13.67
N GLY A 215 18.85 -5.18 -12.34
CA GLY A 215 19.61 -4.16 -11.64
C GLY A 215 20.97 -4.68 -11.21
N TYR A 216 21.98 -3.82 -11.35
CA TYR A 216 23.30 -4.12 -10.83
C TYR A 216 23.30 -4.04 -9.31
N THR A 217 24.23 -4.78 -8.69
CA THR A 217 24.26 -4.86 -7.22
C THR A 217 24.48 -3.50 -6.59
N LYS A 218 25.26 -2.64 -7.22
CA LYS A 218 25.56 -1.32 -6.67
C LYS A 218 24.33 -0.42 -6.66
N GLU A 219 23.33 -0.68 -7.52
CA GLU A 219 22.12 0.14 -7.56
C GLU A 219 21.18 -0.19 -6.39
N ILE A 220 21.37 -1.34 -5.76
CA ILE A 220 20.64 -1.70 -4.55
C ILE A 220 21.49 -1.46 -3.30
N ALA A 221 22.77 -1.85 -3.36
CA ALA A 221 23.67 -1.73 -2.22
C ALA A 221 23.84 -0.27 -1.80
N SER A 222 23.74 0.66 -2.74
CA SER A 222 23.94 2.07 -2.42
C SER A 222 22.82 2.59 -1.53
N LEU A 223 21.57 2.20 -1.81
CA LEU A 223 20.47 2.63 -0.94
C LEU A 223 20.57 1.99 0.45
N VAL A 224 21.02 0.73 0.52
CA VAL A 224 21.28 0.11 1.81
C VAL A 224 22.32 0.92 2.58
N ALA A 225 23.39 1.34 1.89
CA ALA A 225 24.44 2.12 2.54
C ALA A 225 23.90 3.45 3.05
N TRP A 226 23.06 4.11 2.25
CA TRP A 226 22.47 5.37 2.69
C TRP A 226 21.65 5.18 3.97
N LEU A 227 20.83 4.11 4.02
CA LEU A 227 20.01 3.85 5.19
C LEU A 227 20.84 3.62 6.45
N CYS A 228 22.12 3.26 6.31
CA CYS A 228 22.99 2.98 7.45
C CYS A 228 23.77 4.20 7.93
N ASP A 229 23.70 5.31 7.22
CA ASP A 229 24.58 6.44 7.49
C ASP A 229 23.83 7.53 8.24
N SER A 230 24.53 8.65 8.48
CA SER A 230 24.05 9.67 9.41
C SER A 230 22.75 10.32 8.95
N ASP A 231 22.64 10.63 7.66
CA ASP A 231 21.52 11.42 7.17
C ASP A 231 20.20 10.64 7.15
N ALA A 232 20.24 9.32 7.31
CA ALA A 232 19.03 8.50 7.36
C ALA A 232 18.38 8.48 8.75
N SER A 233 18.70 9.46 9.59
CA SER A 233 18.30 9.42 10.99
C SER A 233 16.82 9.72 11.22
N TYR A 234 16.04 9.96 10.17
CA TYR A 234 14.60 10.14 10.30
C TYR A 234 13.79 9.07 9.56
N THR A 235 14.45 8.03 9.05
CA THR A 235 13.82 6.99 8.23
C THR A 235 13.72 5.70 9.05
N THR A 236 12.50 5.27 9.34
CA THR A 236 12.34 3.99 10.02
C THR A 236 10.98 3.42 9.71
N GLY A 237 10.91 2.09 9.66
CA GLY A 237 9.66 1.40 9.41
C GLY A 237 9.26 1.27 7.96
N GLN A 238 10.16 1.57 7.02
CA GLN A 238 9.80 1.67 5.62
C GLN A 238 10.44 0.56 4.78
N SER A 239 9.83 0.31 3.62
CA SER A 239 10.32 -0.67 2.65
C SER A 239 10.60 0.06 1.35
N PHE A 240 11.89 0.26 1.04
CA PHE A 240 12.31 1.02 -0.12
C PHE A 240 12.48 0.09 -1.31
N ILE A 241 11.72 0.33 -2.37
CA ILE A 241 11.66 -0.55 -3.52
C ILE A 241 12.59 -0.02 -4.61
N VAL A 242 13.60 -0.81 -4.96
CA VAL A 242 14.53 -0.51 -6.06
C VAL A 242 14.34 -1.61 -7.10
N ASP A 243 13.57 -1.31 -8.15
CA ASP A 243 13.08 -2.37 -9.03
C ASP A 243 12.99 -2.01 -10.51
N GLY A 244 13.50 -0.85 -10.93
CA GLY A 244 13.40 -0.48 -12.33
C GLY A 244 11.99 -0.30 -12.85
N GLY A 245 11.04 0.02 -11.97
CA GLY A 245 9.65 0.18 -12.36
C GLY A 245 8.80 -1.08 -12.27
N PHE A 246 9.36 -2.17 -11.74
CA PHE A 246 8.66 -3.45 -11.70
C PHE A 246 7.23 -3.30 -11.17
N MET A 247 7.07 -2.60 -10.04
CA MET A 247 5.75 -2.43 -9.44
C MET A 247 4.77 -1.67 -10.31
N LEU A 248 5.25 -0.98 -11.35
CA LEU A 248 4.38 -0.18 -12.20
C LEU A 248 3.70 -0.98 -13.30
N ALA A 249 4.24 -2.15 -13.66
CA ALA A 249 3.81 -2.91 -14.83
C ALA A 249 2.61 -3.76 -14.47
N ASN A 250 1.43 -3.30 -14.87
CA ASN A 250 0.19 -4.04 -14.69
C ASN A 250 -0.23 -4.61 -16.06
N PRO A 251 -1.31 -5.39 -16.16
CA PRO A 251 -1.69 -5.94 -17.47
C PRO A 251 -1.83 -4.90 -18.58
N GLN A 252 -2.14 -3.64 -18.25
CA GLN A 252 -2.24 -2.60 -19.26
C GLN A 252 -0.88 -2.19 -19.84
N PHE A 253 0.21 -2.64 -19.24
CA PHE A 253 1.55 -2.26 -19.70
C PHE A 253 2.00 -3.20 -20.80
N LYS A 254 2.20 -2.67 -22.00
CA LYS A 254 2.79 -3.41 -23.10
C LYS A 254 4.17 -2.85 -23.38
N PRO A 255 5.24 -3.64 -23.23
CA PRO A 255 6.62 -3.18 -23.43
C PRO A 255 6.89 -2.69 -24.85
N ASN B 2 35.50 16.22 -16.56
CA ASN B 2 35.57 16.97 -17.81
C ASN B 2 34.19 17.08 -18.46
N ALA B 3 33.30 16.14 -18.13
CA ALA B 3 31.94 16.18 -18.65
C ALA B 3 31.25 17.49 -18.27
N MET B 4 30.32 17.92 -19.12
CA MET B 4 29.64 19.19 -18.88
C MET B 4 28.89 19.14 -17.56
N THR B 5 28.87 20.27 -16.85
CA THR B 5 28.26 20.32 -15.53
C THR B 5 26.76 20.10 -15.64
N LYS B 6 26.25 19.09 -14.94
CA LYS B 6 24.82 18.85 -14.89
C LYS B 6 24.15 19.94 -14.07
N VAL B 7 22.95 20.33 -14.48
CA VAL B 7 22.21 21.39 -13.79
C VAL B 7 20.95 20.78 -13.19
N ALA B 8 20.60 21.29 -12.01
CA ALA B 8 19.43 20.84 -11.26
C ALA B 8 18.58 22.05 -10.91
N ILE B 9 17.29 21.93 -11.14
CA ILE B 9 16.32 22.97 -10.75
C ILE B 9 15.55 22.48 -9.54
N VAL B 10 15.52 23.29 -8.49
CA VAL B 10 14.78 22.98 -7.27
C VAL B 10 13.80 24.13 -7.04
N THR B 11 12.52 23.87 -7.27
CA THR B 11 11.51 24.90 -7.02
C THR B 11 11.37 25.15 -5.52
N ALA B 12 10.99 26.38 -5.18
CA ALA B 12 10.82 26.81 -3.79
C ALA B 12 12.06 26.49 -2.96
N SER B 13 13.22 26.85 -3.48
CA SER B 13 14.49 26.58 -2.80
C SER B 13 15.03 27.81 -2.08
N ASP B 14 14.16 28.77 -1.73
CA ASP B 14 14.58 29.90 -0.93
C ASP B 14 14.65 29.59 0.56
N SER B 15 14.01 28.50 1.00
CA SER B 15 14.03 28.11 2.40
C SER B 15 13.58 26.67 2.53
N GLY B 16 13.87 26.06 3.67
CA GLY B 16 13.28 24.77 4.00
C GLY B 16 13.91 23.62 3.24
N ILE B 17 13.08 22.65 2.88
CA ILE B 17 13.54 21.44 2.18
C ILE B 17 14.22 21.82 0.87
N GLY B 18 13.63 22.75 0.12
CA GLY B 18 14.21 23.15 -1.14
C GLY B 18 15.58 23.78 -0.98
N LYS B 19 15.75 24.64 0.02
CA LYS B 19 17.05 25.25 0.27
C LYS B 19 18.10 24.20 0.58
N THR B 20 17.78 23.27 1.48
CA THR B 20 18.74 22.25 1.86
C THR B 20 19.03 21.32 0.68
N THR B 21 18.03 20.99 -0.11
CA THR B 21 18.25 20.13 -1.28
C THR B 21 19.19 20.79 -2.27
N ALA B 22 18.98 22.07 -2.54
CA ALA B 22 19.85 22.80 -3.47
C ALA B 22 21.29 22.77 -3.01
N LEU B 23 21.52 22.96 -1.70
CA LEU B 23 22.88 22.95 -1.18
C LEU B 23 23.51 21.58 -1.35
N MET B 24 22.77 20.52 -0.99
CA MET B 24 23.31 19.17 -1.10
C MET B 24 23.50 18.74 -2.55
N LEU B 25 22.64 19.22 -3.45
CA LEU B 25 22.87 18.96 -4.86
C LEU B 25 24.10 19.71 -5.36
N ALA B 26 24.27 20.96 -4.92
CA ALA B 26 25.50 21.70 -5.26
C ALA B 26 26.73 21.01 -4.68
N GLU B 27 26.60 20.42 -3.49
CA GLU B 27 27.70 19.64 -2.93
C GLU B 27 28.06 18.46 -3.81
N ARG B 28 27.07 17.90 -4.51
CA ARG B 28 27.30 16.77 -5.42
C ARG B 28 27.74 17.21 -6.82
N GLY B 29 28.02 18.49 -7.01
CA GLY B 29 28.53 18.97 -8.28
C GLY B 29 27.51 19.53 -9.24
N PHE B 30 26.30 19.84 -8.77
CA PHE B 30 25.24 20.33 -9.64
C PHE B 30 25.21 21.85 -9.66
N ASP B 31 25.08 22.43 -10.85
CA ASP B 31 24.64 23.81 -10.95
C ASP B 31 23.15 23.87 -10.62
N ILE B 32 22.74 24.91 -9.89
CA ILE B 32 21.42 24.96 -9.27
C ILE B 32 20.60 26.07 -9.91
N GLY B 33 19.35 25.74 -10.25
CA GLY B 33 18.38 26.76 -10.59
C GLY B 33 17.45 26.99 -9.42
N VAL B 34 17.54 28.16 -8.79
CA VAL B 34 16.79 28.47 -7.57
C VAL B 34 15.48 29.14 -7.96
N THR B 35 14.45 28.90 -7.15
CA THR B 35 13.11 29.41 -7.41
C THR B 35 12.53 29.97 -6.12
N TRP B 36 11.85 31.11 -6.21
CA TRP B 36 11.23 31.73 -5.05
C TRP B 36 9.85 32.23 -5.41
N HIS B 37 8.90 32.09 -4.49
CA HIS B 37 7.53 32.53 -4.73
C HIS B 37 7.37 34.00 -4.37
N SER B 38 7.76 34.36 -3.14
CA SER B 38 7.75 35.74 -2.71
C SER B 38 8.98 36.14 -1.90
N ASP B 39 9.64 35.21 -1.23
CA ASP B 39 10.86 35.51 -0.46
C ASP B 39 12.04 35.55 -1.43
N GLU B 40 12.19 36.70 -2.11
CA GLU B 40 13.28 36.86 -3.07
C GLU B 40 14.63 36.90 -2.35
N GLN B 41 14.68 37.48 -1.16
CA GLN B 41 15.94 37.57 -0.42
C GLN B 41 16.46 36.19 -0.02
N GLY B 42 15.55 35.31 0.42
CA GLY B 42 15.96 33.96 0.78
C GLY B 42 16.57 33.19 -0.39
N ALA B 43 16.07 33.41 -1.60
CA ALA B 43 16.65 32.76 -2.77
C ALA B 43 18.03 33.32 -3.09
N ARG B 44 18.27 34.61 -2.85
CA ARG B 44 19.59 35.16 -3.05
C ARG B 44 20.58 34.59 -2.04
N ASP B 45 20.11 34.26 -0.84
CA ASP B 45 20.97 33.63 0.15
C ASP B 45 21.34 32.22 -0.28
N THR B 46 20.40 31.50 -0.89
CA THR B 46 20.71 30.18 -1.43
C THR B 46 21.73 30.27 -2.56
N CYS B 47 21.55 31.26 -3.46
CA CYS B 47 22.49 31.44 -4.56
C CYS B 47 23.89 31.75 -4.04
N ARG B 48 23.99 32.64 -3.04
CA ARG B 48 25.27 32.98 -2.45
C ARG B 48 25.96 31.74 -1.86
N GLU B 49 25.20 30.90 -1.15
CA GLU B 49 25.77 29.69 -0.58
C GLU B 49 26.11 28.65 -1.65
N VAL B 50 25.28 28.56 -2.69
CA VAL B 50 25.60 27.67 -3.81
C VAL B 50 26.84 28.17 -4.53
N GLU B 51 26.93 29.48 -4.78
CA GLU B 51 28.13 30.03 -5.39
C GLU B 51 29.35 29.87 -4.49
N ALA B 52 29.15 29.90 -3.17
CA ALA B 52 30.27 29.73 -2.26
C ALA B 52 30.96 28.37 -2.43
N GLN B 53 30.25 27.37 -2.94
CA GLN B 53 30.83 26.07 -3.21
C GLN B 53 31.44 25.96 -4.60
N GLY B 54 31.49 27.05 -5.36
CA GLY B 54 32.04 27.03 -6.69
C GLY B 54 31.07 26.58 -7.76
N ARG B 55 29.77 26.68 -7.52
CA ARG B 55 28.75 26.26 -8.48
C ARG B 55 27.97 27.47 -8.96
N ARG B 56 27.49 27.40 -10.19
CA ARG B 56 26.69 28.48 -10.75
C ARG B 56 25.27 28.41 -10.20
N ALA B 57 24.72 29.57 -9.84
CA ALA B 57 23.37 29.64 -9.28
C ALA B 57 22.59 30.71 -10.03
N GLU B 58 21.42 30.34 -10.54
CA GLU B 58 20.49 31.24 -11.20
C GLU B 58 19.16 31.16 -10.47
N ALA B 59 18.59 32.30 -10.13
CA ALA B 59 17.32 32.36 -9.43
C ALA B 59 16.30 33.09 -10.29
N ILE B 60 15.03 32.81 -10.03
CA ILE B 60 13.93 33.41 -10.80
C ILE B 60 12.66 33.32 -9.96
N HIS B 61 11.72 34.20 -10.26
CA HIS B 61 10.41 34.22 -9.60
C HIS B 61 9.48 33.21 -10.25
N LEU B 62 8.85 32.37 -9.43
CA LEU B 62 7.92 31.35 -9.91
C LEU B 62 6.61 31.51 -9.15
N ASP B 63 5.55 31.89 -9.86
CA ASP B 63 4.23 32.08 -9.26
C ASP B 63 3.33 30.95 -9.76
N LEU B 64 3.33 29.85 -9.02
CA LEU B 64 2.52 28.69 -9.39
C LEU B 64 1.05 28.84 -9.05
N SER B 65 0.65 29.97 -8.46
CA SER B 65 -0.75 30.21 -8.15
C SER B 65 -1.55 30.61 -9.39
N THR B 66 -0.89 31.19 -10.39
CA THR B 66 -1.54 31.66 -11.61
C THR B 66 -0.92 30.91 -12.78
N LEU B 67 -1.58 29.83 -13.20
CA LEU B 67 -1.12 28.95 -14.25
C LEU B 67 -1.97 29.11 -15.52
N PRO B 68 -1.46 28.72 -16.69
CA PRO B 68 -0.16 28.10 -16.97
C PRO B 68 0.98 29.10 -17.20
N GLN B 69 0.75 30.38 -16.92
CA GLN B 69 1.76 31.38 -17.22
C GLN B 69 2.97 31.25 -16.31
N GLY B 70 2.73 31.00 -15.02
CA GLY B 70 3.82 30.94 -14.06
C GLY B 70 4.83 29.85 -14.35
N ALA B 71 4.40 28.77 -15.01
CA ALA B 71 5.30 27.66 -15.28
C ALA B 71 6.34 27.98 -16.34
N GLN B 72 6.25 29.15 -16.99
CA GLN B 72 7.20 29.48 -18.04
C GLN B 72 8.57 29.85 -17.49
N ALA B 73 8.66 30.19 -16.20
CA ALA B 73 9.95 30.50 -15.59
C ALA B 73 10.91 29.31 -15.65
N ILE B 74 10.39 28.09 -15.72
CA ILE B 74 11.25 26.92 -15.89
C ILE B 74 11.95 26.97 -17.24
N GLU B 75 11.25 27.44 -18.29
CA GLU B 75 11.89 27.62 -19.59
C GLU B 75 13.04 28.62 -19.49
N THR B 76 12.86 29.68 -18.71
CA THR B 76 13.89 30.71 -18.62
C THR B 76 15.15 30.18 -17.93
N LEU B 77 14.99 29.40 -16.86
CA LEU B 77 16.15 28.82 -16.20
C LEU B 77 16.86 27.83 -17.12
N ILE B 78 16.10 27.08 -17.91
CA ILE B 78 16.72 26.15 -18.87
C ILE B 78 17.52 26.92 -19.91
N ALA B 79 17.03 28.09 -20.32
CA ALA B 79 17.75 28.90 -21.30
C ALA B 79 19.07 29.44 -20.74
N ARG B 80 19.10 29.78 -19.44
CA ARG B 80 20.34 30.27 -18.85
C ARG B 80 21.42 29.21 -18.84
N PHE B 81 21.06 27.95 -18.56
CA PHE B 81 22.04 26.89 -18.45
C PHE B 81 22.28 26.16 -19.77
N GLY B 82 21.33 26.21 -20.69
CA GLY B 82 21.44 25.47 -21.93
C GLY B 82 21.20 23.98 -21.83
N ARG B 83 20.95 23.47 -20.63
CA ARG B 83 20.69 22.05 -20.44
C ARG B 83 19.93 21.86 -19.13
N LEU B 84 19.45 20.63 -18.92
CA LEU B 84 18.75 20.30 -17.68
C LEU B 84 18.90 18.81 -17.43
N ASP B 85 19.17 18.45 -16.18
CA ASP B 85 19.39 17.05 -15.82
C ASP B 85 18.50 16.61 -14.67
N VAL B 86 18.10 17.53 -13.80
CA VAL B 86 17.35 17.21 -12.59
C VAL B 86 16.28 18.26 -12.39
N LEU B 87 15.08 17.82 -12.01
CA LEU B 87 14.03 18.72 -11.54
C LEU B 87 13.51 18.18 -10.21
N VAL B 88 13.42 19.06 -9.22
CA VAL B 88 12.84 18.72 -7.92
C VAL B 88 11.63 19.61 -7.73
N ASN B 89 10.44 18.99 -7.68
CA ASN B 89 9.20 19.73 -7.50
C ASN B 89 8.89 19.76 -6.01
N ASN B 90 9.34 20.83 -5.36
CA ASN B 90 9.15 20.97 -3.92
C ASN B 90 7.74 21.50 -3.61
N ALA B 91 7.24 21.14 -2.44
CA ALA B 91 5.85 21.37 -2.08
C ALA B 91 5.65 22.71 -1.39
N GLY B 92 4.54 23.37 -1.73
CA GLY B 92 4.13 24.58 -1.03
C GLY B 92 3.50 24.26 0.32
N ALA B 93 3.13 25.33 1.03
CA ALA B 93 2.61 25.18 2.37
C ALA B 93 1.21 24.57 2.37
N MET B 94 0.88 23.90 3.47
CA MET B 94 -0.42 23.26 3.65
C MET B 94 -1.37 24.20 4.39
N THR B 95 -2.59 24.32 3.89
CA THR B 95 -3.64 25.11 4.52
C THR B 95 -4.83 24.22 4.85
N LYS B 96 -5.34 24.33 6.07
CA LYS B 96 -6.46 23.52 6.52
C LYS B 96 -7.79 24.19 6.21
N ALA B 97 -8.82 23.38 6.04
CA ALA B 97 -10.19 23.82 5.78
C ALA B 97 -11.13 22.63 5.95
N PRO B 98 -12.09 22.69 6.87
CA PRO B 98 -13.03 21.58 7.05
C PRO B 98 -13.75 21.23 5.76
N PHE B 99 -13.95 19.92 5.55
CA PHE B 99 -14.46 19.42 4.28
C PHE B 99 -15.86 19.96 3.98
N LEU B 100 -16.71 20.05 5.00
CA LEU B 100 -18.10 20.46 4.77
C LEU B 100 -18.22 21.90 4.29
N ASP B 101 -17.32 22.77 4.74
CA ASP B 101 -17.44 24.21 4.49
C ASP B 101 -16.28 24.73 3.64
N MET B 102 -15.93 24.01 2.59
CA MET B 102 -14.81 24.43 1.75
C MET B 102 -15.32 25.01 0.44
N PRO B 103 -15.01 26.26 0.12
CA PRO B 103 -15.40 26.82 -1.18
C PRO B 103 -14.72 26.07 -2.32
N PHE B 104 -15.47 25.91 -3.42
CA PHE B 104 -14.97 25.16 -4.56
C PHE B 104 -13.75 25.81 -5.19
N ASP B 105 -13.58 27.12 -5.02
CA ASP B 105 -12.38 27.78 -5.53
C ASP B 105 -11.17 27.51 -4.66
N ASP B 106 -11.36 27.41 -3.34
CA ASP B 106 -10.27 27.01 -2.47
C ASP B 106 -9.80 25.59 -2.81
N TRP B 107 -10.76 24.70 -3.07
CA TRP B 107 -10.43 23.35 -3.49
C TRP B 107 -9.64 23.35 -4.80
N ARG B 108 -10.07 24.17 -5.77
CA ARG B 108 -9.36 24.22 -7.04
C ARG B 108 -7.98 24.87 -6.89
N ASN B 109 -7.86 25.86 -6.00
CA ASN B 109 -6.57 26.53 -5.84
C ASN B 109 -5.52 25.62 -5.24
N ILE B 110 -5.93 24.74 -4.33
CA ILE B 110 -4.98 23.82 -3.73
C ILE B 110 -4.44 22.85 -4.76
N PHE B 111 -5.30 22.37 -5.66
CA PHE B 111 -4.83 21.53 -6.75
C PHE B 111 -3.92 22.31 -7.70
N THR B 112 -4.20 23.60 -7.91
CA THR B 112 -3.36 24.41 -8.78
C THR B 112 -1.92 24.43 -8.27
N VAL B 113 -1.74 24.64 -6.97
CA VAL B 113 -0.40 24.83 -6.42
C VAL B 113 0.30 23.51 -6.10
N ASP B 114 -0.44 22.44 -5.84
CA ASP B 114 0.13 21.21 -5.30
C ASP B 114 0.19 20.06 -6.30
N VAL B 115 -0.39 20.20 -7.49
CA VAL B 115 -0.22 19.15 -8.49
C VAL B 115 -0.13 19.76 -9.89
N ASP B 116 -0.89 20.82 -10.16
CA ASP B 116 -0.85 21.45 -11.49
C ASP B 116 0.51 22.08 -11.77
N GLY B 117 1.11 22.73 -10.77
CA GLY B 117 2.44 23.29 -10.96
C GLY B 117 3.49 22.23 -11.24
N ALA B 118 3.44 21.12 -10.49
CA ALA B 118 4.39 20.03 -10.73
C ALA B 118 4.18 19.42 -12.10
N PHE B 119 2.93 19.31 -12.55
CA PHE B 119 2.65 18.76 -13.87
C PHE B 119 3.25 19.63 -14.96
N LEU B 120 3.05 20.94 -14.89
CA LEU B 120 3.54 21.82 -15.95
C LEU B 120 5.06 21.92 -15.93
N CYS B 121 5.66 22.02 -14.74
CA CYS B 121 7.12 22.07 -14.66
C CYS B 121 7.75 20.76 -15.14
N SER B 122 7.10 19.63 -14.86
CA SER B 122 7.64 18.34 -15.27
C SER B 122 7.59 18.19 -16.79
N GLN B 123 6.55 18.72 -17.43
CA GLN B 123 6.46 18.66 -18.88
C GLN B 123 7.65 19.36 -19.52
N ILE B 124 7.85 20.63 -19.16
CA ILE B 124 8.97 21.41 -19.72
C ILE B 124 10.29 20.70 -19.46
N ALA B 125 10.50 20.22 -18.23
CA ALA B 125 11.76 19.55 -17.91
C ALA B 125 11.91 18.26 -18.69
N ALA B 126 10.85 17.43 -18.72
CA ALA B 126 10.96 16.15 -19.42
C ALA B 126 11.19 16.37 -20.91
N ARG B 127 10.51 17.36 -21.50
CA ARG B 127 10.75 17.67 -22.91
C ARG B 127 12.22 17.99 -23.17
N LYS B 128 12.84 18.76 -22.28
CA LYS B 128 14.26 19.07 -22.46
C LYS B 128 15.11 17.82 -22.32
N MET B 129 14.83 16.98 -21.33
CA MET B 129 15.63 15.78 -21.12
C MET B 129 15.48 14.81 -22.28
N VAL B 130 14.29 14.74 -22.87
CA VAL B 130 14.08 13.88 -24.03
C VAL B 130 14.89 14.39 -25.21
N GLU B 131 14.86 15.70 -25.45
CA GLU B 131 15.63 16.29 -26.54
C GLU B 131 17.12 16.03 -26.39
N GLN B 132 17.62 16.04 -25.15
CA GLN B 132 19.06 15.82 -24.94
C GLN B 132 19.45 14.37 -25.15
N GLY B 133 18.56 13.43 -24.84
CA GLY B 133 18.88 12.03 -25.00
C GLY B 133 19.92 11.53 -24.02
N GLU B 134 20.10 12.21 -22.89
CA GLU B 134 21.05 11.82 -21.87
C GLU B 134 20.36 11.42 -20.57
N GLY B 135 19.05 11.19 -20.59
CA GLY B 135 18.33 10.82 -19.40
C GLY B 135 18.08 12.02 -18.50
N GLY B 136 17.60 11.74 -17.30
CA GLY B 136 17.26 12.80 -16.37
C GLY B 136 16.61 12.23 -15.14
N ARG B 137 16.39 13.12 -14.17
CA ARG B 137 15.78 12.76 -12.90
C ARG B 137 14.71 13.78 -12.55
N ILE B 138 13.57 13.30 -12.08
CA ILE B 138 12.50 14.15 -11.55
C ILE B 138 12.10 13.57 -10.20
N VAL B 139 12.15 14.40 -9.16
CA VAL B 139 11.75 14.00 -7.82
C VAL B 139 10.60 14.92 -7.38
N ASN B 140 9.46 14.32 -7.09
CA ASN B 140 8.30 15.05 -6.60
C ASN B 140 8.27 14.94 -5.08
N ILE B 141 8.24 16.08 -4.40
CA ILE B 141 8.18 16.08 -2.94
C ILE B 141 6.70 16.09 -2.57
N THR B 142 6.23 14.98 -2.01
CA THR B 142 4.81 14.88 -1.66
C THR B 142 4.64 15.08 -0.16
N SER B 143 4.18 14.05 0.52
CA SER B 143 3.92 14.07 1.96
C SER B 143 3.51 12.66 2.35
N VAL B 144 3.60 12.36 3.65
CA VAL B 144 2.94 11.16 4.16
C VAL B 144 1.47 11.15 3.78
N HIS B 145 0.88 12.32 3.54
CA HIS B 145 -0.52 12.43 3.18
C HIS B 145 -0.78 12.16 1.71
N GLU B 146 0.26 11.74 0.98
CA GLU B 146 0.07 10.98 -0.24
C GLU B 146 -0.59 9.64 0.03
N HIS B 147 -0.49 9.14 1.26
CA HIS B 147 -0.90 7.79 1.61
C HIS B 147 -1.93 7.70 2.74
N THR B 148 -2.07 8.74 3.57
CA THR B 148 -2.93 8.67 4.74
C THR B 148 -3.51 10.06 4.99
N PRO B 149 -4.78 10.16 5.39
CA PRO B 149 -5.43 11.48 5.43
C PRO B 149 -4.90 12.39 6.53
N LEU B 150 -4.95 13.69 6.25
CA LEU B 150 -4.70 14.73 7.24
C LEU B 150 -6.04 15.36 7.62
N PRO B 151 -6.47 15.28 8.88
CA PRO B 151 -7.78 15.84 9.24
C PRO B 151 -7.86 17.33 8.98
N GLU B 152 -9.00 17.77 8.46
CA GLU B 152 -9.28 19.15 8.07
C GLU B 152 -8.42 19.62 6.90
N ALA B 153 -7.90 18.70 6.08
CA ALA B 153 -7.08 19.06 4.94
C ALA B 153 -7.36 18.09 3.79
N SER B 154 -8.63 18.02 3.38
CA SER B 154 -9.04 17.07 2.36
C SER B 154 -8.49 17.44 0.99
N ALA B 155 -8.45 18.73 0.66
CA ALA B 155 -7.91 19.13 -0.63
C ALA B 155 -6.40 18.89 -0.69
N TYR B 156 -5.70 19.21 0.40
CA TYR B 156 -4.28 18.90 0.49
C TYR B 156 -4.03 17.40 0.33
N THR B 157 -4.83 16.58 1.03
CA THR B 157 -4.65 15.13 0.94
C THR B 157 -4.93 14.63 -0.46
N ALA B 158 -6.02 15.09 -1.07
CA ALA B 158 -6.36 14.64 -2.41
C ALA B 158 -5.30 15.05 -3.42
N ALA B 159 -4.80 16.29 -3.30
CA ALA B 159 -3.78 16.77 -4.24
C ALA B 159 -2.46 16.03 -4.04
N LYS B 160 -2.11 15.70 -2.80
CA LYS B 160 -0.92 14.89 -2.56
C LYS B 160 -1.04 13.49 -3.16
N HIS B 161 -2.22 12.86 -3.02
CA HIS B 161 -2.48 11.59 -3.68
C HIS B 161 -2.35 11.73 -5.20
N ALA B 162 -2.85 12.84 -5.74
CA ALA B 162 -2.81 13.04 -7.19
C ALA B 162 -1.38 13.16 -7.69
N LEU B 163 -0.54 13.91 -6.97
CA LEU B 163 0.88 13.99 -7.32
C LEU B 163 1.57 12.64 -7.18
N GLY B 164 1.13 11.80 -6.24
CA GLY B 164 1.65 10.45 -6.17
C GLY B 164 1.29 9.62 -7.39
N GLY B 165 0.05 9.74 -7.86
CA GLY B 165 -0.35 9.04 -9.08
C GLY B 165 0.35 9.59 -10.30
N LEU B 166 0.49 10.91 -10.40
CA LEU B 166 1.26 11.50 -11.48
C LEU B 166 2.69 10.99 -11.49
N THR B 167 3.28 10.83 -10.29
CA THR B 167 4.65 10.36 -10.20
C THR B 167 4.81 8.98 -10.83
N LYS B 168 3.87 8.06 -10.56
CA LYS B 168 3.95 6.73 -11.14
C LYS B 168 3.74 6.78 -12.65
N SER B 169 2.80 7.60 -13.11
CA SER B 169 2.53 7.68 -14.55
C SER B 169 3.72 8.24 -15.31
N MET B 170 4.30 9.35 -14.80
CA MET B 170 5.48 9.91 -15.41
C MET B 170 6.63 8.91 -15.46
N ALA B 171 6.79 8.12 -14.39
CA ALA B 171 7.85 7.13 -14.38
C ALA B 171 7.63 6.07 -15.46
N LEU B 172 6.39 5.64 -15.64
CA LEU B 172 6.12 4.61 -16.63
C LEU B 172 6.23 5.17 -18.04
N GLU B 173 5.79 6.42 -18.25
CA GLU B 173 5.73 7.00 -19.59
C GLU B 173 7.07 7.54 -20.08
N LEU B 174 8.01 7.84 -19.18
CA LEU B 174 9.29 8.41 -19.57
C LEU B 174 10.45 7.44 -19.37
N VAL B 175 10.17 6.18 -19.03
CA VAL B 175 11.24 5.26 -18.66
C VAL B 175 12.11 4.91 -19.87
N GLN B 176 11.55 4.93 -21.08
CA GLN B 176 12.35 4.57 -22.24
C GLN B 176 13.37 5.67 -22.58
N HIS B 177 13.18 6.87 -22.05
CA HIS B 177 14.14 7.96 -22.18
C HIS B 177 15.15 7.99 -21.02
N ASN B 178 15.12 6.98 -20.15
CA ASN B 178 15.99 6.91 -18.98
C ASN B 178 15.79 8.11 -18.06
N ILE B 179 14.55 8.60 -18.00
CA ILE B 179 14.17 9.64 -17.06
C ILE B 179 13.46 8.95 -15.90
N LEU B 180 14.12 8.92 -14.74
CA LEU B 180 13.57 8.25 -13.57
C LEU B 180 12.81 9.26 -12.73
N VAL B 181 11.63 8.86 -12.28
CA VAL B 181 10.73 9.75 -11.55
C VAL B 181 10.31 9.06 -10.27
N ASN B 182 10.54 9.72 -9.14
CA ASN B 182 10.22 9.17 -7.84
C ASN B 182 9.68 10.28 -6.95
N ALA B 183 9.02 9.88 -5.88
CA ALA B 183 8.53 10.80 -4.87
C ALA B 183 9.28 10.59 -3.56
N VAL B 184 9.48 11.68 -2.82
CA VAL B 184 9.87 11.61 -1.42
C VAL B 184 8.70 12.15 -0.59
N ALA B 185 8.21 11.33 0.35
CA ALA B 185 7.03 11.65 1.14
C ALA B 185 7.43 11.95 2.58
N PRO B 186 7.67 13.21 2.93
CA PRO B 186 8.15 13.52 4.29
C PRO B 186 7.02 13.66 5.30
N GLY B 187 7.35 13.34 6.54
CA GLY B 187 6.44 13.59 7.65
C GLY B 187 6.50 15.02 8.14
N ALA B 188 6.58 15.21 9.46
CA ALA B 188 6.63 16.54 10.04
C ALA B 188 8.04 17.11 9.95
N ILE B 189 8.14 18.32 9.40
CA ILE B 189 9.42 19.01 9.19
C ILE B 189 9.55 20.15 10.17
N ALA B 190 10.77 20.37 10.66
CA ALA B 190 11.03 21.46 11.59
C ALA B 190 11.00 22.81 10.89
N THR B 191 10.37 23.79 11.54
CA THR B 191 10.37 25.15 11.02
C THR B 191 11.80 25.69 10.97
N PRO B 192 12.07 26.67 10.11
CA PRO B 192 13.46 27.15 9.95
C PRO B 192 14.08 27.67 11.24
N MET B 193 13.28 28.15 12.19
CA MET B 193 13.84 28.57 13.47
C MET B 193 14.38 27.38 14.27
N ASN B 194 13.70 26.23 14.18
CA ASN B 194 14.16 25.03 14.86
C ASN B 194 15.09 24.18 13.98
N ASP B 195 14.97 24.31 12.66
CA ASP B 195 15.81 23.52 11.77
C ASP B 195 17.28 23.95 11.86
N MET B 196 17.51 25.26 11.92
CA MET B 196 18.88 25.78 12.03
C MET B 196 19.43 25.65 13.44
N ASP B 197 18.56 25.51 14.44
CA ASP B 197 18.99 25.44 15.84
C ASP B 197 19.58 24.09 16.22
N GLU B 198 19.52 23.09 15.33
CA GLU B 198 20.02 21.73 15.58
C GLU B 198 19.29 21.20 16.81
N SER B 199 19.99 20.67 17.82
CA SER B 199 19.35 20.17 19.02
C SER B 199 20.17 20.47 20.27
N LYS B 202 15.33 19.34 19.97
CA LYS B 202 13.87 19.39 20.10
C LYS B 202 13.28 18.00 20.30
N GLU B 203 14.04 17.12 20.96
CA GLU B 203 13.58 15.76 21.20
C GLU B 203 12.41 15.75 22.17
N GLY B 204 11.45 14.85 21.91
CA GLY B 204 10.26 14.72 22.71
C GLY B 204 9.17 15.74 22.43
N SER B 205 9.36 16.63 21.44
CA SER B 205 8.40 17.71 21.22
C SER B 205 7.15 17.25 20.49
N MET B 206 7.17 16.08 19.87
CA MET B 206 6.00 15.53 19.18
C MET B 206 5.85 14.06 19.56
N PRO B 207 5.36 13.77 20.76
CA PRO B 207 5.29 12.37 21.21
C PRO B 207 4.31 11.50 20.43
N ALA B 208 3.37 12.09 19.68
CA ALA B 208 2.48 11.28 18.85
C ALA B 208 3.23 10.57 17.73
N ILE B 209 4.37 11.11 17.31
CA ILE B 209 5.23 10.50 16.30
C ILE B 209 6.18 9.55 17.00
N PRO B 210 6.42 8.34 16.48
CA PRO B 210 7.27 7.39 17.22
C PRO B 210 8.66 7.93 17.52
N LEU B 211 9.33 8.56 16.57
CA LEU B 211 10.62 9.16 16.85
C LEU B 211 10.52 10.39 17.74
N ALA B 212 9.32 10.90 17.96
CA ALA B 212 9.01 11.90 19.00
C ALA B 212 9.55 13.29 18.67
N ARG B 213 9.73 13.62 17.40
CA ARG B 213 10.20 14.94 17.02
C ARG B 213 9.93 15.15 15.53
N PRO B 214 9.93 16.39 15.06
CA PRO B 214 9.92 16.62 13.61
C PRO B 214 11.29 16.36 13.03
N GLY B 215 11.31 16.18 11.71
CA GLY B 215 12.56 15.92 11.01
C GLY B 215 13.24 17.21 10.57
N TYR B 216 14.56 17.18 10.58
CA TYR B 216 15.35 18.26 10.01
C TYR B 216 15.30 18.17 8.49
N THR B 217 15.39 19.33 7.83
CA THR B 217 15.38 19.37 6.37
C THR B 217 16.50 18.52 5.80
N LYS B 218 17.65 18.48 6.47
CA LYS B 218 18.75 17.63 6.01
C LYS B 218 18.36 16.16 5.97
N GLU B 219 17.46 15.73 6.86
CA GLU B 219 17.07 14.32 6.90
C GLU B 219 16.15 13.94 5.75
N ILE B 220 15.55 14.91 5.08
CA ILE B 220 14.76 14.66 3.88
C ILE B 220 15.56 14.96 2.62
N ALA B 221 16.27 16.10 2.61
CA ALA B 221 17.01 16.50 1.41
C ALA B 221 18.07 15.49 1.03
N SER B 222 18.63 14.77 2.01
CA SER B 222 19.69 13.83 1.71
C SER B 222 19.19 12.67 0.84
N LEU B 223 17.97 12.20 1.08
CA LEU B 223 17.40 11.17 0.23
C LEU B 223 17.05 11.73 -1.15
N VAL B 224 16.51 12.94 -1.20
CA VAL B 224 16.24 13.59 -2.49
C VAL B 224 17.51 13.67 -3.32
N ALA B 225 18.62 14.08 -2.69
CA ALA B 225 19.88 14.19 -3.41
C ALA B 225 20.37 12.84 -3.89
N TRP B 226 20.17 11.78 -3.08
CA TRP B 226 20.57 10.45 -3.50
C TRP B 226 19.80 10.00 -4.74
N LEU B 227 18.50 10.30 -4.79
CA LEU B 227 17.66 9.96 -5.94
C LEU B 227 18.07 10.71 -7.21
N CYS B 228 18.82 11.80 -7.07
CA CYS B 228 19.24 12.61 -8.21
C CYS B 228 20.61 12.22 -8.74
N ASP B 229 21.32 11.34 -8.06
CA ASP B 229 22.70 11.04 -8.43
C ASP B 229 22.79 9.67 -9.10
N SER B 230 24.03 9.25 -9.39
CA SER B 230 24.28 8.14 -10.31
C SER B 230 23.83 6.80 -9.72
N ASP B 231 23.96 6.62 -8.40
CA ASP B 231 23.67 5.33 -7.80
C ASP B 231 22.18 4.98 -7.85
N ALA B 232 21.30 5.97 -8.02
CA ALA B 232 19.87 5.72 -8.07
C ALA B 232 19.37 5.40 -9.46
N SER B 233 20.19 4.75 -10.30
CA SER B 233 19.85 4.50 -11.70
C SER B 233 18.86 3.36 -11.89
N TYR B 234 18.48 2.64 -10.83
CA TYR B 234 17.50 1.58 -10.92
C TYR B 234 16.24 1.89 -10.10
N THR B 235 16.05 3.14 -9.70
CA THR B 235 14.93 3.53 -8.85
C THR B 235 13.97 4.40 -9.67
N THR B 236 12.76 3.92 -9.87
CA THR B 236 11.78 4.75 -10.55
C THR B 236 10.38 4.31 -10.15
N GLY B 237 9.47 5.28 -10.12
CA GLY B 237 8.06 5.01 -9.86
C GLY B 237 7.69 4.82 -8.40
N GLN B 238 8.58 5.17 -7.47
CA GLN B 238 8.39 4.84 -6.07
C GLN B 238 8.17 6.10 -5.24
N SER B 239 7.61 5.88 -4.05
CA SER B 239 7.36 6.93 -3.06
C SER B 239 8.11 6.56 -1.79
N PHE B 240 9.20 7.26 -1.51
CA PHE B 240 10.04 6.98 -0.34
C PHE B 240 9.59 7.84 0.84
N ILE B 241 9.15 7.18 1.90
CA ILE B 241 8.56 7.85 3.06
C ILE B 241 9.65 8.08 4.10
N VAL B 242 9.86 9.34 4.48
CA VAL B 242 10.84 9.73 5.49
C VAL B 242 10.05 10.44 6.58
N ASP B 243 9.62 9.70 7.59
CA ASP B 243 8.60 10.21 8.48
C ASP B 243 8.81 9.91 9.97
N GLY B 244 9.92 9.28 10.35
CA GLY B 244 10.14 8.98 11.76
C GLY B 244 9.17 7.99 12.35
N GLY B 245 8.57 7.11 11.53
CA GLY B 245 7.62 6.15 12.03
C GLY B 245 6.18 6.61 12.00
N PHE B 246 5.91 7.80 11.46
CA PHE B 246 4.54 8.33 11.35
C PHE B 246 3.57 7.27 10.83
N MET B 247 3.94 6.57 9.74
CA MET B 247 3.04 5.59 9.15
C MET B 247 2.80 4.39 10.06
N LEU B 248 3.71 4.10 10.98
CA LEU B 248 3.54 2.96 11.89
C LEU B 248 2.53 3.22 13.00
N ALA B 249 2.24 4.48 13.30
CA ALA B 249 1.45 4.83 14.49
C ALA B 249 -0.03 4.71 14.18
N ASN B 250 -0.66 3.67 14.73
CA ASN B 250 -2.09 3.41 14.56
C ASN B 250 -2.75 3.58 15.93
N PRO B 251 -4.07 3.37 16.07
CA PRO B 251 -4.70 3.53 17.40
C PRO B 251 -4.09 2.69 18.52
N GLN B 252 -3.34 1.64 18.19
CA GLN B 252 -2.71 0.81 19.21
C GLN B 252 -1.40 1.39 19.72
N PHE B 253 -0.88 2.45 19.09
CA PHE B 253 0.37 3.06 19.49
C PHE B 253 0.18 3.90 20.76
N LYS B 254 1.08 3.72 21.72
CA LYS B 254 1.04 4.47 22.98
C LYS B 254 2.30 5.32 23.12
N PRO B 255 2.20 6.65 23.05
CA PRO B 255 3.34 7.57 23.16
C PRO B 255 4.16 7.41 24.44
N THR C 5 -38.71 5.19 4.32
CA THR C 5 -37.93 4.60 3.23
C THR C 5 -36.68 5.42 2.92
N LYS C 6 -35.53 4.75 2.88
CA LYS C 6 -34.26 5.43 2.63
C LYS C 6 -34.10 5.74 1.14
N VAL C 7 -33.32 6.79 0.87
CA VAL C 7 -33.14 7.32 -0.48
C VAL C 7 -31.68 7.15 -0.88
N ALA C 8 -31.45 6.61 -2.07
CA ALA C 8 -30.12 6.40 -2.63
C ALA C 8 -30.02 7.12 -3.96
N ILE C 9 -29.12 8.10 -4.05
CA ILE C 9 -28.84 8.80 -5.29
C ILE C 9 -27.63 8.15 -5.95
N VAL C 10 -27.78 7.71 -7.19
CA VAL C 10 -26.71 7.08 -7.95
C VAL C 10 -26.49 7.90 -9.21
N THR C 11 -25.27 8.42 -9.38
CA THR C 11 -24.97 9.18 -10.56
C THR C 11 -24.77 8.26 -11.76
N ALA C 12 -25.12 8.76 -12.94
CA ALA C 12 -24.92 8.05 -14.21
C ALA C 12 -25.55 6.66 -14.18
N SER C 13 -26.73 6.57 -13.56
CA SER C 13 -27.46 5.31 -13.45
C SER C 13 -28.38 5.05 -14.64
N ASP C 14 -28.12 5.69 -15.78
CA ASP C 14 -28.86 5.39 -16.99
C ASP C 14 -28.35 4.13 -17.70
N SER C 15 -27.18 3.62 -17.33
CA SER C 15 -26.65 2.41 -17.93
C SER C 15 -25.45 1.95 -17.09
N GLY C 16 -24.96 0.76 -17.42
CA GLY C 16 -23.68 0.31 -16.90
C GLY C 16 -23.75 0.02 -15.41
N ILE C 17 -22.64 0.26 -14.73
CA ILE C 17 -22.54 -0.02 -13.30
C ILE C 17 -23.57 0.79 -12.52
N GLY C 18 -23.75 2.06 -12.89
CA GLY C 18 -24.69 2.90 -12.17
C GLY C 18 -26.10 2.37 -12.18
N LYS C 19 -26.53 1.81 -13.32
CA LYS C 19 -27.90 1.29 -13.41
C LYS C 19 -28.04 0.00 -12.62
N THR C 20 -27.11 -0.94 -12.81
CA THR C 20 -27.14 -2.18 -12.04
C THR C 20 -27.09 -1.91 -10.55
N THR C 21 -26.30 -0.90 -10.14
CA THR C 21 -26.27 -0.50 -8.74
C THR C 21 -27.63 0.01 -8.30
N ALA C 22 -28.22 0.90 -9.11
CA ALA C 22 -29.52 1.48 -8.75
C ALA C 22 -30.58 0.41 -8.58
N LEU C 23 -30.56 -0.61 -9.44
CA LEU C 23 -31.53 -1.70 -9.34
C LEU C 23 -31.27 -2.55 -8.10
N MET C 24 -30.00 -2.85 -7.80
CA MET C 24 -29.71 -3.66 -6.63
C MET C 24 -30.05 -2.94 -5.33
N LEU C 25 -29.87 -1.61 -5.30
CA LEU C 25 -30.29 -0.86 -4.12
C LEU C 25 -31.81 -0.83 -4.00
N ALA C 26 -32.52 -0.93 -5.12
CA ALA C 26 -33.98 -0.96 -5.07
C ALA C 26 -34.48 -2.27 -4.50
N GLU C 27 -33.83 -3.39 -4.86
CA GLU C 27 -34.17 -4.67 -4.26
C GLU C 27 -33.87 -4.68 -2.76
N ARG C 28 -32.89 -3.88 -2.32
CA ARG C 28 -32.56 -3.76 -0.90
C ARG C 28 -33.46 -2.74 -0.18
N GLY C 29 -34.47 -2.20 -0.85
CA GLY C 29 -35.46 -1.37 -0.22
C GLY C 29 -35.25 0.13 -0.30
N PHE C 30 -34.36 0.61 -1.16
CA PHE C 30 -34.06 2.03 -1.26
C PHE C 30 -34.91 2.68 -2.35
N ASP C 31 -35.37 3.90 -2.07
CA ASP C 31 -35.84 4.78 -3.14
C ASP C 31 -34.63 5.30 -3.89
N ILE C 32 -34.74 5.39 -5.22
CA ILE C 32 -33.59 5.60 -6.09
C ILE C 32 -33.70 6.96 -6.75
N GLY C 33 -32.66 7.78 -6.59
CA GLY C 33 -32.52 8.99 -7.38
C GLY C 33 -31.61 8.73 -8.55
N VAL C 34 -32.16 8.78 -9.77
CA VAL C 34 -31.44 8.45 -10.98
C VAL C 34 -30.92 9.73 -11.61
N THR C 35 -29.72 9.66 -12.18
CA THR C 35 -29.07 10.80 -12.81
C THR C 35 -28.63 10.40 -14.22
N TRP C 36 -28.78 11.32 -15.17
CA TRP C 36 -28.44 11.04 -16.55
C TRP C 36 -27.69 12.22 -17.16
N HIS C 37 -26.70 11.92 -17.99
CA HIS C 37 -25.92 12.95 -18.66
C HIS C 37 -26.53 13.37 -19.99
N SER C 38 -27.00 12.40 -20.78
CA SER C 38 -27.61 12.71 -22.08
C SER C 38 -28.74 11.75 -22.41
N ASP C 39 -28.60 10.48 -22.00
CA ASP C 39 -29.60 9.46 -22.30
C ASP C 39 -30.73 9.56 -21.29
N GLU C 40 -31.67 10.46 -21.56
CA GLU C 40 -32.78 10.67 -20.64
C GLU C 40 -33.74 9.48 -20.66
N GLN C 41 -34.00 8.92 -21.84
CA GLN C 41 -34.90 7.79 -21.93
C GLN C 41 -34.29 6.51 -21.36
N GLY C 42 -32.96 6.41 -21.34
CA GLY C 42 -32.33 5.33 -20.60
C GLY C 42 -32.53 5.46 -19.11
N ALA C 43 -32.48 6.69 -18.60
CA ALA C 43 -32.76 6.94 -17.20
C ALA C 43 -34.21 6.57 -16.86
N ARG C 44 -35.14 6.89 -17.74
CA ARG C 44 -36.54 6.51 -17.52
C ARG C 44 -36.70 5.00 -17.47
N ASP C 45 -35.92 4.27 -18.29
CA ASP C 45 -35.89 2.81 -18.20
C ASP C 45 -35.48 2.36 -16.81
N THR C 46 -34.48 3.03 -16.21
CA THR C 46 -34.08 2.69 -14.85
C THR C 46 -35.19 3.02 -13.86
N CYS C 47 -35.79 4.21 -13.99
CA CYS C 47 -36.88 4.60 -13.10
C CYS C 47 -38.05 3.62 -13.18
N ARG C 48 -38.36 3.14 -14.39
CA ARG C 48 -39.48 2.22 -14.54
C ARG C 48 -39.19 0.88 -13.88
N GLU C 49 -37.96 0.38 -14.04
CA GLU C 49 -37.59 -0.89 -13.42
C GLU C 49 -37.48 -0.78 -11.91
N VAL C 50 -37.13 0.41 -11.40
CA VAL C 50 -37.12 0.61 -9.95
C VAL C 50 -38.55 0.64 -9.42
N GLU C 51 -39.46 1.29 -10.15
CA GLU C 51 -40.85 1.34 -9.71
C GLU C 51 -41.55 0.00 -9.79
N ALA C 52 -41.09 -0.89 -10.69
CA ALA C 52 -41.63 -2.25 -10.75
C ALA C 52 -41.32 -3.06 -9.51
N GLN C 53 -40.47 -2.55 -8.61
CA GLN C 53 -40.15 -3.22 -7.36
C GLN C 53 -40.73 -2.50 -6.15
N GLY C 54 -41.73 -1.65 -6.35
CA GLY C 54 -42.40 -0.98 -5.26
C GLY C 54 -41.72 0.27 -4.74
N ARG C 55 -40.59 0.67 -5.31
CA ARG C 55 -39.86 1.84 -4.86
C ARG C 55 -40.22 3.06 -5.69
N ARG C 56 -40.05 4.23 -5.08
CA ARG C 56 -40.14 5.48 -5.82
C ARG C 56 -38.83 5.76 -6.55
N ALA C 57 -38.94 6.32 -7.75
CA ALA C 57 -37.77 6.63 -8.56
C ALA C 57 -37.95 7.99 -9.23
N GLU C 58 -36.89 8.81 -9.20
CA GLU C 58 -36.87 10.12 -9.82
C GLU C 58 -35.61 10.28 -10.64
N ALA C 59 -35.68 11.10 -11.69
CA ALA C 59 -34.56 11.32 -12.58
C ALA C 59 -34.32 12.81 -12.78
N ILE C 60 -33.06 13.17 -13.00
CA ILE C 60 -32.69 14.56 -13.24
C ILE C 60 -31.43 14.59 -14.07
N HIS C 61 -31.23 15.67 -14.81
CA HIS C 61 -30.07 15.84 -15.66
C HIS C 61 -28.89 16.32 -14.83
N LEU C 62 -27.77 15.59 -14.89
CA LEU C 62 -26.55 15.95 -14.17
C LEU C 62 -25.39 15.99 -15.16
N ASP C 63 -24.74 17.15 -15.28
CA ASP C 63 -23.57 17.30 -16.13
C ASP C 63 -22.46 17.92 -15.29
N LEU C 64 -21.48 17.13 -14.90
CA LEU C 64 -20.38 17.59 -14.08
C LEU C 64 -19.26 18.23 -14.92
N SER C 65 -19.45 18.38 -16.23
CA SER C 65 -18.45 19.01 -17.07
C SER C 65 -18.33 20.51 -16.81
N THR C 66 -19.27 21.13 -16.11
CA THR C 66 -19.26 22.56 -15.82
C THR C 66 -19.64 22.75 -14.36
N LEU C 67 -18.68 23.15 -13.53
CA LEU C 67 -18.86 23.26 -12.10
C LEU C 67 -18.58 24.69 -11.64
N PRO C 68 -19.15 25.12 -10.51
CA PRO C 68 -20.01 24.38 -9.58
C PRO C 68 -21.48 24.29 -9.97
N GLN C 69 -21.84 24.84 -11.14
CA GLN C 69 -23.24 24.93 -11.50
C GLN C 69 -23.84 23.55 -11.76
N GLY C 70 -23.12 22.69 -12.48
CA GLY C 70 -23.66 21.39 -12.84
C GLY C 70 -23.98 20.49 -11.68
N ALA C 71 -23.41 20.76 -10.51
CA ALA C 71 -23.66 19.92 -9.35
C ALA C 71 -24.92 20.31 -8.59
N GLN C 72 -25.57 21.41 -8.95
CA GLN C 72 -26.76 21.84 -8.25
C GLN C 72 -27.93 20.89 -8.46
N ALA C 73 -27.90 20.09 -9.53
CA ALA C 73 -28.96 19.11 -9.77
C ALA C 73 -29.09 18.12 -8.62
N ILE C 74 -27.98 17.80 -7.94
CA ILE C 74 -28.06 16.93 -6.76
C ILE C 74 -28.95 17.55 -5.69
N GLU C 75 -28.72 18.84 -5.42
CA GLU C 75 -29.53 19.54 -4.44
C GLU C 75 -31.01 19.49 -4.82
N THR C 76 -31.31 19.64 -6.11
CA THR C 76 -32.70 19.60 -6.55
C THR C 76 -33.29 18.20 -6.41
N LEU C 77 -32.50 17.18 -6.75
CA LEU C 77 -32.98 15.80 -6.62
C LEU C 77 -33.22 15.43 -5.17
N ILE C 78 -32.43 15.98 -4.24
CA ILE C 78 -32.66 15.72 -2.83
C ILE C 78 -34.01 16.30 -2.39
N ALA C 79 -34.37 17.48 -2.93
CA ALA C 79 -35.60 18.13 -2.51
C ALA C 79 -36.84 17.34 -2.90
N ARG C 80 -36.78 16.55 -3.97
CA ARG C 80 -37.94 15.75 -4.38
C ARG C 80 -38.23 14.64 -3.37
N PHE C 81 -37.20 14.07 -2.75
CA PHE C 81 -37.38 13.02 -1.76
C PHE C 81 -37.48 13.54 -0.33
N GLY C 82 -36.86 14.67 -0.03
CA GLY C 82 -36.91 15.23 1.30
C GLY C 82 -35.77 14.74 2.17
N ARG C 83 -35.27 13.53 1.90
CA ARG C 83 -34.20 12.93 2.67
C ARG C 83 -33.18 12.30 1.73
N LEU C 84 -31.97 12.09 2.27
CA LEU C 84 -30.92 11.41 1.51
C LEU C 84 -30.09 10.56 2.45
N ASP C 85 -29.85 9.31 2.07
CA ASP C 85 -29.12 8.38 2.94
C ASP C 85 -27.91 7.76 2.25
N VAL C 86 -27.94 7.67 0.92
CA VAL C 86 -26.88 7.03 0.16
C VAL C 86 -26.56 7.90 -1.05
N LEU C 87 -25.27 8.18 -1.26
CA LEU C 87 -24.78 8.77 -2.50
C LEU C 87 -23.74 7.85 -3.10
N VAL C 88 -23.93 7.50 -4.37
CA VAL C 88 -22.96 6.73 -5.14
C VAL C 88 -22.45 7.62 -6.26
N ASN C 89 -21.18 7.99 -6.20
CA ASN C 89 -20.54 8.77 -7.25
C ASN C 89 -19.95 7.81 -8.28
N ASN C 90 -20.59 7.73 -9.44
CA ASN C 90 -20.12 6.87 -10.50
C ASN C 90 -18.97 7.55 -11.26
N ALA C 91 -18.24 6.74 -12.02
CA ALA C 91 -17.04 7.17 -12.72
C ALA C 91 -17.31 7.26 -14.22
N GLY C 92 -17.02 8.40 -14.81
CA GLY C 92 -17.25 8.60 -16.22
C GLY C 92 -16.25 7.84 -17.08
N ALA C 93 -16.26 8.16 -18.37
CA ALA C 93 -15.42 7.47 -19.33
C ALA C 93 -13.97 7.92 -19.23
N MET C 94 -13.06 7.04 -19.64
CA MET C 94 -11.62 7.29 -19.60
C MET C 94 -11.14 7.74 -20.98
N THR C 95 -10.34 8.80 -21.01
CA THR C 95 -9.76 9.32 -22.24
C THR C 95 -8.24 9.39 -22.10
N LYS C 96 -7.53 8.80 -23.05
CA LYS C 96 -6.07 8.81 -23.04
C LYS C 96 -5.54 10.11 -23.63
N ALA C 97 -4.30 10.45 -23.22
CA ALA C 97 -3.56 11.58 -23.74
C ALA C 97 -2.10 11.48 -23.26
N PRO C 98 -1.13 11.47 -24.17
CA PRO C 98 0.28 11.35 -23.75
C PRO C 98 0.71 12.52 -22.87
N PHE C 99 1.59 12.22 -21.92
CA PHE C 99 1.93 13.19 -20.88
C PHE C 99 2.73 14.36 -21.45
N LEU C 100 3.76 14.08 -22.24
CA LEU C 100 4.71 15.10 -22.66
C LEU C 100 4.01 16.27 -23.34
N ASP C 101 2.99 15.99 -24.16
CA ASP C 101 2.33 17.00 -24.98
C ASP C 101 0.87 17.23 -24.61
N MET C 102 0.43 16.75 -23.47
CA MET C 102 -0.98 16.89 -23.12
C MET C 102 -1.30 18.36 -22.87
N PRO C 103 -2.35 18.90 -23.49
CA PRO C 103 -2.73 20.30 -23.22
C PRO C 103 -3.16 20.49 -21.78
N PHE C 104 -2.91 21.70 -21.28
CA PHE C 104 -3.20 21.99 -19.87
C PHE C 104 -4.69 21.97 -19.58
N ASP C 105 -5.51 22.41 -20.53
CA ASP C 105 -6.96 22.39 -20.31
C ASP C 105 -7.52 20.98 -20.33
N ASP C 106 -6.92 20.08 -21.13
CA ASP C 106 -7.30 18.68 -21.07
C ASP C 106 -7.01 18.09 -19.69
N TRP C 107 -5.85 18.45 -19.12
CA TRP C 107 -5.50 18.00 -17.77
C TRP C 107 -6.50 18.51 -16.75
N ARG C 108 -6.89 19.79 -16.84
CA ARG C 108 -7.81 20.36 -15.88
C ARG C 108 -9.23 19.85 -16.07
N ASN C 109 -9.63 19.51 -17.30
CA ASN C 109 -10.99 19.03 -17.53
C ASN C 109 -11.18 17.61 -16.99
N ILE C 110 -10.14 16.79 -17.04
CA ILE C 110 -10.24 15.45 -16.45
C ILE C 110 -10.41 15.54 -14.94
N PHE C 111 -9.71 16.46 -14.28
CA PHE C 111 -9.91 16.64 -12.85
C PHE C 111 -11.29 17.18 -12.53
N THR C 112 -11.90 17.93 -13.46
CA THR C 112 -13.22 18.50 -13.22
C THR C 112 -14.28 17.40 -13.11
N VAL C 113 -14.31 16.48 -14.05
CA VAL C 113 -15.37 15.47 -14.08
C VAL C 113 -15.06 14.24 -13.22
N ASP C 114 -13.79 13.98 -12.91
CA ASP C 114 -13.41 12.74 -12.25
C ASP C 114 -13.06 12.90 -10.77
N VAL C 115 -12.96 14.12 -10.25
CA VAL C 115 -12.81 14.28 -8.81
C VAL C 115 -13.50 15.54 -8.32
N ASP C 116 -13.47 16.61 -9.12
CA ASP C 116 -14.18 17.83 -8.72
C ASP C 116 -15.68 17.60 -8.65
N GLY C 117 -16.24 16.86 -9.60
CA GLY C 117 -17.65 16.54 -9.54
C GLY C 117 -18.03 15.73 -8.32
N ALA C 118 -17.25 14.67 -8.04
CA ALA C 118 -17.50 13.87 -6.85
C ALA C 118 -17.35 14.70 -5.57
N PHE C 119 -16.42 15.65 -5.56
CA PHE C 119 -16.25 16.51 -4.40
C PHE C 119 -17.53 17.30 -4.12
N LEU C 120 -18.05 17.99 -5.13
CA LEU C 120 -19.23 18.84 -4.91
C LEU C 120 -20.46 18.01 -4.59
N CYS C 121 -20.68 16.92 -5.32
CA CYS C 121 -21.82 16.05 -5.03
C CYS C 121 -21.73 15.47 -3.63
N SER C 122 -20.55 15.03 -3.21
CA SER C 122 -20.39 14.49 -1.87
C SER C 122 -20.57 15.56 -0.81
N GLN C 123 -20.09 16.77 -1.10
CA GLN C 123 -20.25 17.88 -0.16
C GLN C 123 -21.73 18.18 0.06
N ILE C 124 -22.53 18.21 -1.01
CA ILE C 124 -23.96 18.45 -0.88
C ILE C 124 -24.63 17.29 -0.15
N ALA C 125 -24.32 16.06 -0.57
CA ALA C 125 -24.94 14.90 0.05
C ALA C 125 -24.60 14.82 1.54
N ALA C 126 -23.33 15.03 1.88
CA ALA C 126 -22.92 14.95 3.28
C ALA C 126 -23.58 16.05 4.11
N ARG C 127 -23.76 17.24 3.53
CA ARG C 127 -24.45 18.30 4.25
C ARG C 127 -25.85 17.87 4.67
N LYS C 128 -26.59 17.23 3.76
CA LYS C 128 -27.94 16.79 4.07
C LYS C 128 -27.94 15.72 5.14
N MET C 129 -26.99 14.77 5.07
CA MET C 129 -26.94 13.68 6.05
C MET C 129 -26.62 14.19 7.45
N VAL C 130 -25.81 15.24 7.56
CA VAL C 130 -25.49 15.78 8.88
C VAL C 130 -26.74 16.36 9.53
N GLU C 131 -27.55 17.09 8.76
CA GLU C 131 -28.74 17.71 9.32
C GLU C 131 -29.74 16.68 9.81
N GLN C 132 -29.89 15.57 9.08
CA GLN C 132 -30.79 14.51 9.51
C GLN C 132 -30.33 13.85 10.80
N GLY C 133 -29.01 13.75 11.00
CA GLY C 133 -28.49 13.11 12.19
C GLY C 133 -28.70 11.61 12.25
N GLU C 134 -28.87 10.94 11.11
CA GLU C 134 -29.08 9.50 11.07
C GLU C 134 -27.96 8.78 10.31
N GLY C 135 -26.83 9.44 10.09
CA GLY C 135 -25.73 8.84 9.37
C GLY C 135 -25.97 8.83 7.87
N GLY C 136 -25.14 8.06 7.19
CA GLY C 136 -25.25 7.95 5.75
C GLY C 136 -24.10 7.14 5.16
N ARG C 137 -24.19 6.95 3.86
CA ARG C 137 -23.18 6.19 3.13
C ARG C 137 -22.83 6.96 1.86
N ILE C 138 -21.53 7.13 1.61
CA ILE C 138 -21.04 7.67 0.36
C ILE C 138 -20.05 6.67 -0.22
N VAL C 139 -20.28 6.27 -1.47
CA VAL C 139 -19.43 5.32 -2.18
C VAL C 139 -18.94 5.99 -3.45
N ASN C 140 -17.62 6.10 -3.59
CA ASN C 140 -17.00 6.66 -4.79
C ASN C 140 -16.51 5.51 -5.67
N ILE C 141 -16.95 5.49 -6.92
CA ILE C 141 -16.43 4.52 -7.89
C ILE C 141 -15.13 5.08 -8.44
N THR C 142 -14.02 4.45 -8.06
CA THR C 142 -12.71 4.82 -8.58
C THR C 142 -12.32 3.82 -9.69
N SER C 143 -11.16 3.15 -9.60
CA SER C 143 -10.62 2.26 -10.62
C SER C 143 -9.41 1.59 -9.98
N VAL C 144 -8.92 0.53 -10.63
CA VAL C 144 -7.62 0.01 -10.25
C VAL C 144 -6.54 1.08 -10.39
N HIS C 145 -6.77 2.08 -11.23
CA HIS C 145 -5.75 3.11 -11.44
C HIS C 145 -5.79 4.19 -10.37
N GLU C 146 -6.60 4.01 -9.32
CA GLU C 146 -6.38 4.70 -8.06
C GLU C 146 -5.07 4.26 -7.42
N HIS C 147 -4.55 3.09 -7.78
CA HIS C 147 -3.41 2.46 -7.13
C HIS C 147 -2.23 2.17 -8.05
N THR C 148 -2.46 1.98 -9.35
CA THR C 148 -1.42 1.58 -10.29
C THR C 148 -1.62 2.35 -11.59
N PRO C 149 -0.54 2.75 -12.27
CA PRO C 149 -0.70 3.69 -13.38
C PRO C 149 -1.28 3.04 -14.62
N LEU C 150 -2.03 3.83 -15.39
CA LEU C 150 -2.55 3.39 -16.68
C LEU C 150 -1.72 4.04 -17.79
N PRO C 151 -1.06 3.25 -18.65
CA PRO C 151 -0.22 3.85 -19.70
C PRO C 151 -1.00 4.80 -20.59
N GLU C 152 -0.37 5.92 -20.93
CA GLU C 152 -0.89 6.99 -21.79
C GLU C 152 -2.04 7.76 -21.17
N ALA C 153 -2.34 7.54 -19.88
CA ALA C 153 -3.46 8.21 -19.21
C ALA C 153 -2.97 8.71 -17.85
N SER C 154 -2.07 9.69 -17.87
CA SER C 154 -1.50 10.19 -16.63
C SER C 154 -2.52 11.05 -15.87
N ALA C 155 -3.33 11.82 -16.59
CA ALA C 155 -4.33 12.66 -15.93
C ALA C 155 -5.44 11.81 -15.34
N TYR C 156 -5.86 10.78 -16.06
CA TYR C 156 -6.83 9.83 -15.51
C TYR C 156 -6.30 9.19 -14.23
N THR C 157 -5.04 8.77 -14.24
CA THR C 157 -4.46 8.11 -13.08
C THR C 157 -4.35 9.07 -11.89
N ALA C 158 -3.89 10.30 -12.15
CA ALA C 158 -3.75 11.27 -11.07
C ALA C 158 -5.10 11.59 -10.45
N ALA C 159 -6.14 11.76 -11.28
CA ALA C 159 -7.46 12.09 -10.74
C ALA C 159 -8.05 10.92 -9.95
N LYS C 160 -7.82 9.69 -10.42
CA LYS C 160 -8.29 8.53 -9.67
C LYS C 160 -7.56 8.39 -8.34
N HIS C 161 -6.26 8.67 -8.32
CA HIS C 161 -5.55 8.73 -7.04
C HIS C 161 -6.14 9.82 -6.15
N ALA C 162 -6.47 10.98 -6.74
CA ALA C 162 -7.02 12.08 -5.95
C ALA C 162 -8.35 11.71 -5.31
N LEU C 163 -9.25 11.11 -6.09
CA LEU C 163 -10.53 10.66 -5.54
C LEU C 163 -10.32 9.61 -4.46
N GLY C 164 -9.26 8.80 -4.58
CA GLY C 164 -8.93 7.89 -3.49
C GLY C 164 -8.52 8.60 -2.22
N GLY C 165 -7.72 9.66 -2.34
CA GLY C 165 -7.33 10.43 -1.17
C GLY C 165 -8.50 11.18 -0.56
N LEU C 166 -9.37 11.73 -1.40
CA LEU C 166 -10.57 12.39 -0.91
C LEU C 166 -11.48 11.43 -0.15
N THR C 167 -11.57 10.18 -0.62
CA THR C 167 -12.37 9.17 0.08
C THR C 167 -11.90 8.98 1.51
N LYS C 168 -10.58 8.90 1.72
CA LYS C 168 -10.05 8.71 3.07
C LYS C 168 -10.30 9.93 3.94
N SER C 169 -10.13 11.13 3.37
CA SER C 169 -10.36 12.37 4.12
C SER C 169 -11.82 12.50 4.51
N MET C 170 -12.74 12.29 3.57
CA MET C 170 -14.16 12.33 3.89
C MET C 170 -14.51 11.30 4.96
N ALA C 171 -13.93 10.11 4.87
CA ALA C 171 -14.23 9.07 5.86
C ALA C 171 -13.80 9.52 7.25
N LEU C 172 -12.66 10.20 7.34
CA LEU C 172 -12.12 10.57 8.64
C LEU C 172 -12.82 11.78 9.24
N GLU C 173 -13.19 12.76 8.41
CA GLU C 173 -13.83 13.96 8.89
C GLU C 173 -15.30 13.77 9.21
N LEU C 174 -15.94 12.75 8.64
CA LEU C 174 -17.38 12.55 8.79
C LEU C 174 -17.71 11.37 9.70
N VAL C 175 -16.70 10.74 10.31
CA VAL C 175 -16.94 9.52 11.06
C VAL C 175 -17.78 9.78 12.29
N GLN C 176 -17.68 10.98 12.87
CA GLN C 176 -18.48 11.29 14.05
C GLN C 176 -19.94 11.55 13.72
N HIS C 177 -20.28 11.71 12.43
CA HIS C 177 -21.66 11.80 12.01
C HIS C 177 -22.21 10.47 11.53
N ASN C 178 -21.45 9.39 11.70
CA ASN C 178 -21.83 8.05 11.25
C ASN C 178 -22.08 8.01 9.74
N ILE C 179 -21.34 8.83 8.99
CA ILE C 179 -21.35 8.79 7.53
C ILE C 179 -20.13 8.01 7.08
N LEU C 180 -20.34 6.78 6.61
CA LEU C 180 -19.25 5.90 6.23
C LEU C 180 -18.94 6.06 4.74
N VAL C 181 -17.68 6.31 4.41
CA VAL C 181 -17.26 6.67 3.06
C VAL C 181 -16.22 5.66 2.59
N ASN C 182 -16.46 5.04 1.44
CA ASN C 182 -15.56 4.05 0.87
C ASN C 182 -15.49 4.22 -0.64
N ALA C 183 -14.56 3.50 -1.26
CA ALA C 183 -14.45 3.47 -2.70
C ALA C 183 -14.48 2.04 -3.19
N VAL C 184 -15.00 1.85 -4.40
CA VAL C 184 -14.90 0.58 -5.11
C VAL C 184 -14.08 0.82 -6.36
N ALA C 185 -13.05 -0.01 -6.55
CA ALA C 185 -12.05 0.16 -7.61
C ALA C 185 -12.22 -0.96 -8.63
N PRO C 186 -13.01 -0.76 -9.68
CA PRO C 186 -13.20 -1.81 -10.69
C PRO C 186 -12.00 -1.99 -11.61
N GLY C 187 -11.81 -3.22 -12.06
CA GLY C 187 -10.92 -3.50 -13.18
C GLY C 187 -11.59 -3.23 -14.52
N ALA C 188 -11.43 -4.13 -15.49
CA ALA C 188 -12.05 -3.96 -16.80
C ALA C 188 -13.53 -4.35 -16.73
N ILE C 189 -14.39 -3.48 -17.26
CA ILE C 189 -15.84 -3.67 -17.23
C ILE C 189 -16.33 -3.91 -18.65
N ALA C 190 -17.15 -4.94 -18.82
CA ALA C 190 -17.72 -5.24 -20.13
C ALA C 190 -18.68 -4.15 -20.59
N THR C 191 -18.68 -3.89 -21.89
CA THR C 191 -19.61 -2.95 -22.48
C THR C 191 -21.04 -3.49 -22.36
N PRO C 192 -22.05 -2.62 -22.44
CA PRO C 192 -23.44 -3.10 -22.29
C PRO C 192 -23.82 -4.21 -23.24
N MET C 193 -23.18 -4.30 -24.41
CA MET C 193 -23.47 -5.39 -25.34
C MET C 193 -23.07 -6.74 -24.74
N ASN C 194 -21.87 -6.83 -24.19
CA ASN C 194 -21.39 -8.07 -23.60
C ASN C 194 -21.87 -8.29 -22.17
N ASP C 195 -22.48 -7.27 -21.55
CA ASP C 195 -22.95 -7.38 -20.18
C ASP C 195 -24.32 -8.07 -20.11
N LYS C 202 -16.58 -14.53 -24.24
CA LYS C 202 -16.03 -13.52 -23.34
C LYS C 202 -14.93 -14.13 -22.46
N GLU C 203 -15.03 -15.42 -22.20
CA GLU C 203 -14.03 -16.12 -21.40
C GLU C 203 -12.75 -16.30 -22.21
N GLY C 204 -11.69 -15.59 -21.82
CA GLY C 204 -10.44 -15.61 -22.54
C GLY C 204 -10.17 -14.40 -23.41
N SER C 205 -11.05 -13.39 -23.40
CA SER C 205 -10.88 -12.24 -24.28
C SER C 205 -9.78 -11.30 -23.81
N MET C 206 -9.40 -11.35 -22.53
CA MET C 206 -8.34 -10.50 -21.98
C MET C 206 -7.35 -11.38 -21.22
N PRO C 207 -6.50 -12.11 -21.93
CA PRO C 207 -5.55 -13.00 -21.24
C PRO C 207 -4.57 -12.27 -20.35
N ALA C 208 -4.35 -10.97 -20.55
CA ALA C 208 -3.44 -10.24 -19.67
C ALA C 208 -3.96 -10.20 -18.23
N ILE C 209 -5.27 -10.13 -18.04
CA ILE C 209 -5.91 -10.17 -16.73
C ILE C 209 -5.98 -11.61 -16.26
N PRO C 210 -5.63 -11.92 -15.01
CA PRO C 210 -5.60 -13.33 -14.57
C PRO C 210 -6.91 -14.08 -14.78
N LEU C 211 -8.05 -13.46 -14.49
CA LEU C 211 -9.34 -14.10 -14.77
C LEU C 211 -9.64 -14.20 -16.25
N ALA C 212 -8.82 -13.61 -17.13
CA ALA C 212 -8.87 -13.74 -18.58
C ALA C 212 -10.11 -13.09 -19.21
N ARG C 213 -10.85 -12.26 -18.47
CA ARG C 213 -12.07 -11.68 -19.00
C ARG C 213 -12.37 -10.39 -18.23
N PRO C 214 -13.15 -9.49 -18.82
CA PRO C 214 -13.65 -8.33 -18.05
C PRO C 214 -14.71 -8.76 -17.06
N GLY C 215 -15.12 -7.81 -16.22
CA GLY C 215 -16.11 -8.06 -15.20
C GLY C 215 -17.48 -7.54 -15.60
N TYR C 216 -18.51 -8.24 -15.14
CA TYR C 216 -19.88 -7.80 -15.40
C TYR C 216 -20.28 -6.77 -14.36
N THR C 217 -21.25 -5.92 -14.73
CA THR C 217 -21.62 -4.82 -13.84
C THR C 217 -22.19 -5.32 -12.52
N LYS C 218 -22.85 -6.49 -12.54
CA LYS C 218 -23.37 -7.07 -11.31
C LYS C 218 -22.26 -7.49 -10.37
N GLU C 219 -21.08 -7.81 -10.90
CA GLU C 219 -19.94 -8.18 -10.05
C GLU C 219 -19.34 -6.97 -9.34
N ILE C 220 -19.54 -5.77 -9.87
CA ILE C 220 -19.10 -4.55 -9.22
C ILE C 220 -20.19 -3.95 -8.36
N ALA C 221 -21.39 -3.85 -8.93
CA ALA C 221 -22.50 -3.19 -8.24
C ALA C 221 -22.91 -3.94 -6.98
N SER C 222 -22.72 -5.25 -6.95
CA SER C 222 -23.11 -6.01 -5.76
C SER C 222 -22.32 -5.56 -4.54
N LEU C 223 -21.03 -5.29 -4.71
CA LEU C 223 -20.22 -4.80 -3.59
C LEU C 223 -20.60 -3.38 -3.22
N VAL C 224 -20.86 -2.54 -4.23
CA VAL C 224 -21.34 -1.19 -3.94
C VAL C 224 -22.60 -1.25 -3.10
N ALA C 225 -23.54 -2.10 -3.50
CA ALA C 225 -24.79 -2.24 -2.73
C ALA C 225 -24.51 -2.74 -1.31
N TRP C 226 -23.56 -3.67 -1.15
CA TRP C 226 -23.21 -4.13 0.18
C TRP C 226 -22.70 -3.00 1.05
N LEU C 227 -21.81 -2.16 0.51
CA LEU C 227 -21.28 -1.02 1.26
C LEU C 227 -22.34 -0.01 1.65
N CYS C 228 -23.53 -0.06 1.04
CA CYS C 228 -24.61 0.87 1.31
C CYS C 228 -25.62 0.36 2.34
N ASP C 229 -25.59 -0.93 2.67
CA ASP C 229 -26.60 -1.50 3.55
C ASP C 229 -26.12 -1.49 5.00
N SER C 230 -26.90 -2.11 5.89
CA SER C 230 -26.65 -1.98 7.33
C SER C 230 -25.51 -2.86 7.83
N ASP C 231 -25.17 -3.93 7.11
CA ASP C 231 -24.08 -4.79 7.57
C ASP C 231 -22.71 -4.16 7.36
N ALA C 232 -22.60 -3.12 6.53
CA ALA C 232 -21.32 -2.49 6.28
C ALA C 232 -21.06 -1.36 7.26
N SER C 233 -21.72 -1.42 8.42
CA SER C 233 -21.67 -0.37 9.42
C SER C 233 -20.31 -0.23 10.09
N TYR C 234 -19.35 -1.11 9.82
CA TYR C 234 -18.00 -0.97 10.38
C TYR C 234 -16.95 -0.73 9.31
N THR C 235 -17.35 -0.49 8.06
CA THR C 235 -16.42 -0.34 6.96
C THR C 235 -16.38 1.13 6.53
N THR C 236 -15.22 1.75 6.67
CA THR C 236 -15.08 3.13 6.26
C THR C 236 -13.62 3.41 5.92
N GLY C 237 -13.43 4.30 4.93
CA GLY C 237 -12.11 4.75 4.56
C GLY C 237 -11.31 3.82 3.68
N GLN C 238 -11.97 2.85 3.04
CA GLN C 238 -11.28 1.78 2.35
C GLN C 238 -11.56 1.83 0.85
N SER C 239 -10.67 1.20 0.08
CA SER C 239 -10.81 1.07 -1.37
C SER C 239 -10.86 -0.42 -1.70
N PHE C 240 -12.05 -0.93 -2.01
CA PHE C 240 -12.24 -2.34 -2.32
C PHE C 240 -12.02 -2.56 -3.81
N ILE C 241 -11.02 -3.37 -4.15
CA ILE C 241 -10.62 -3.61 -5.54
C ILE C 241 -11.33 -4.86 -6.04
N VAL C 242 -12.10 -4.71 -7.13
CA VAL C 242 -12.78 -5.82 -7.81
C VAL C 242 -12.25 -5.82 -9.23
N ASP C 243 -11.32 -6.73 -9.53
CA ASP C 243 -10.51 -6.58 -10.75
C ASP C 243 -10.10 -7.90 -11.39
N GLY C 244 -10.60 -9.04 -10.93
CA GLY C 244 -10.20 -10.30 -11.54
C GLY C 244 -8.74 -10.62 -11.41
N GLY C 245 -8.07 -10.04 -10.41
CA GLY C 245 -6.65 -10.27 -10.20
C GLY C 245 -5.73 -9.31 -10.91
N PHE C 246 -6.26 -8.21 -11.47
CA PHE C 246 -5.44 -7.24 -12.20
C PHE C 246 -4.21 -6.81 -11.40
N MET C 247 -4.42 -6.46 -10.12
CA MET C 247 -3.32 -6.00 -9.26
C MET C 247 -2.27 -7.08 -9.02
N LEU C 248 -2.59 -8.36 -9.22
CA LEU C 248 -1.62 -9.42 -8.99
C LEU C 248 -0.62 -9.56 -10.14
N ALA C 249 -0.99 -9.16 -11.36
CA ALA C 249 -0.17 -9.42 -12.53
C ALA C 249 0.99 -8.44 -12.60
N ASN C 250 2.19 -8.91 -12.31
CA ASN C 250 3.41 -8.12 -12.39
C ASN C 250 4.25 -8.65 -13.56
N PRO C 251 5.45 -8.07 -13.84
CA PRO C 251 6.27 -8.59 -14.96
C PRO C 251 6.58 -10.08 -14.94
N GLN C 252 6.42 -10.74 -13.79
CA GLN C 252 6.63 -12.18 -13.71
C GLN C 252 5.40 -13.00 -14.10
N PHE C 253 4.26 -12.34 -14.32
CA PHE C 253 3.06 -13.06 -14.73
C PHE C 253 3.08 -13.30 -16.24
N LYS C 254 2.98 -14.56 -16.63
CA LYS C 254 2.98 -14.94 -18.04
C LYS C 254 1.67 -15.63 -18.37
N PRO C 255 0.75 -15.00 -19.10
CA PRO C 255 -0.54 -15.60 -19.45
C PRO C 255 -0.40 -16.79 -20.40
N MET D 4 -26.72 -30.08 -6.42
CA MET D 4 -26.02 -30.45 -5.19
C MET D 4 -25.88 -29.26 -4.25
N THR D 5 -26.09 -29.49 -2.96
CA THR D 5 -25.96 -28.43 -1.97
C THR D 5 -24.50 -28.09 -1.76
N LYS D 6 -24.15 -26.81 -1.93
CA LYS D 6 -22.76 -26.40 -1.78
C LYS D 6 -22.34 -26.46 -0.31
N VAL D 7 -21.07 -26.82 -0.10
CA VAL D 7 -20.53 -27.08 1.23
C VAL D 7 -19.43 -26.07 1.54
N ALA D 8 -19.48 -25.52 2.75
CA ALA D 8 -18.51 -24.52 3.20
C ALA D 8 -17.93 -24.95 4.55
N ILE D 9 -16.61 -25.00 4.62
CA ILE D 9 -15.90 -25.30 5.87
C ILE D 9 -15.40 -24.00 6.46
N VAL D 10 -15.71 -23.77 7.73
CA VAL D 10 -15.29 -22.58 8.46
C VAL D 10 -14.50 -23.05 9.68
N THR D 11 -13.18 -22.83 9.65
CA THR D 11 -12.34 -23.23 10.76
C THR D 11 -12.60 -22.36 11.98
N ALA D 12 -12.45 -22.94 13.17
CA ALA D 12 -12.69 -22.24 14.43
C ALA D 12 -14.03 -21.54 14.43
N SER D 13 -15.07 -22.26 13.99
CA SER D 13 -16.42 -21.73 13.94
C SER D 13 -17.23 -22.10 15.18
N ASP D 14 -16.55 -22.55 16.24
CA ASP D 14 -17.24 -22.87 17.49
C ASP D 14 -17.65 -21.62 18.26
N SER D 15 -17.05 -20.46 17.96
CA SER D 15 -17.38 -19.21 18.63
C SER D 15 -16.78 -18.06 17.83
N GLY D 16 -17.17 -16.84 18.20
CA GLY D 16 -16.60 -15.63 17.62
C GLY D 16 -16.98 -15.36 16.17
N ILE D 17 -16.01 -14.87 15.39
CA ILE D 17 -16.26 -14.54 13.99
C ILE D 17 -16.57 -15.80 13.19
N GLY D 18 -15.86 -16.89 13.48
CA GLY D 18 -16.12 -18.13 12.76
C GLY D 18 -17.53 -18.64 12.97
N LYS D 19 -18.08 -18.45 14.17
CA LYS D 19 -19.46 -18.84 14.43
C LYS D 19 -20.44 -18.00 13.63
N THR D 20 -20.27 -16.67 13.66
CA THR D 20 -21.18 -15.79 12.92
C THR D 20 -21.05 -16.02 11.42
N THR D 21 -19.83 -16.24 10.93
CA THR D 21 -19.63 -16.54 9.51
C THR D 21 -20.36 -17.83 9.10
N ALA D 22 -20.32 -18.85 9.96
CA ALA D 22 -21.01 -20.09 9.63
C ALA D 22 -22.52 -19.90 9.56
N LEU D 23 -23.10 -19.17 10.51
CA LEU D 23 -24.54 -18.95 10.51
C LEU D 23 -24.98 -18.10 9.31
N MET D 24 -24.17 -17.12 8.91
CA MET D 24 -24.53 -16.31 7.75
C MET D 24 -24.38 -17.09 6.46
N LEU D 25 -23.36 -17.96 6.38
CA LEU D 25 -23.22 -18.82 5.21
C LEU D 25 -24.36 -19.83 5.14
N ALA D 26 -24.83 -20.32 6.29
CA ALA D 26 -26.01 -21.19 6.29
C ALA D 26 -27.24 -20.42 5.81
N GLU D 27 -27.41 -19.19 6.27
CA GLU D 27 -28.52 -18.37 5.79
C GLU D 27 -28.47 -18.17 4.28
N ARG D 28 -27.28 -18.10 3.70
CA ARG D 28 -27.13 -18.01 2.25
C ARG D 28 -27.25 -19.36 1.57
N GLY D 29 -27.47 -20.44 2.33
CA GLY D 29 -27.76 -21.74 1.77
C GLY D 29 -26.67 -22.79 1.83
N PHE D 30 -25.59 -22.54 2.57
CA PHE D 30 -24.46 -23.48 2.60
C PHE D 30 -24.64 -24.53 3.68
N ASP D 31 -24.24 -25.76 3.36
CA ASP D 31 -23.96 -26.76 4.38
C ASP D 31 -22.61 -26.44 5.03
N ILE D 32 -22.54 -26.55 6.36
CA ILE D 32 -21.44 -25.99 7.13
C ILE D 32 -20.61 -27.13 7.75
N GLY D 33 -19.32 -27.14 7.46
CA GLY D 33 -18.37 -27.96 8.18
C GLY D 33 -17.70 -27.14 9.26
N VAL D 34 -17.86 -27.58 10.50
CA VAL D 34 -17.44 -26.83 11.68
C VAL D 34 -16.17 -27.45 12.25
N THR D 35 -15.24 -26.61 12.63
CA THR D 35 -13.96 -27.01 13.19
C THR D 35 -13.80 -26.40 14.57
N TRP D 36 -13.23 -27.18 15.51
CA TRP D 36 -13.02 -26.68 16.86
C TRP D 36 -11.66 -27.14 17.37
N HIS D 37 -11.00 -26.26 18.12
CA HIS D 37 -9.71 -26.55 18.73
C HIS D 37 -9.87 -27.22 20.09
N SER D 38 -10.72 -26.67 20.94
CA SER D 38 -10.96 -27.24 22.26
C SER D 38 -12.42 -27.18 22.71
N ASP D 39 -13.17 -26.14 22.33
CA ASP D 39 -14.58 -26.02 22.73
C ASP D 39 -15.43 -26.89 21.81
N GLU D 40 -15.45 -28.19 22.13
CA GLU D 40 -16.31 -29.12 21.38
C GLU D 40 -17.78 -28.84 21.63
N GLN D 41 -18.14 -28.37 22.82
CA GLN D 41 -19.54 -28.02 23.08
C GLN D 41 -19.97 -26.79 22.29
N GLY D 42 -19.04 -25.84 22.09
CA GLY D 42 -19.36 -24.70 21.24
C GLY D 42 -19.62 -25.10 19.81
N ALA D 43 -18.85 -26.06 19.29
CA ALA D 43 -19.08 -26.54 17.94
C ALA D 43 -20.44 -27.23 17.81
N ARG D 44 -20.89 -27.93 18.85
CA ARG D 44 -22.24 -28.51 18.81
C ARG D 44 -23.30 -27.42 18.82
N ASP D 45 -23.14 -26.39 19.66
CA ASP D 45 -24.04 -25.25 19.63
C ASP D 45 -24.09 -24.61 18.24
N THR D 46 -22.92 -24.43 17.62
CA THR D 46 -22.89 -23.92 16.26
C THR D 46 -23.61 -24.87 15.30
N CYS D 47 -23.41 -26.18 15.46
CA CYS D 47 -24.11 -27.14 14.61
C CYS D 47 -25.62 -27.06 14.81
N ARG D 48 -26.07 -26.87 16.04
CA ARG D 48 -27.51 -26.78 16.28
C ARG D 48 -28.09 -25.51 15.69
N GLU D 49 -27.39 -24.38 15.85
CA GLU D 49 -27.90 -23.13 15.29
C GLU D 49 -27.90 -23.15 13.77
N VAL D 50 -26.96 -23.87 13.16
CA VAL D 50 -26.95 -24.01 11.71
C VAL D 50 -28.15 -24.85 11.26
N GLU D 51 -28.45 -25.92 11.97
CA GLU D 51 -29.59 -26.77 11.64
C GLU D 51 -30.92 -26.05 11.86
N ALA D 52 -30.97 -25.06 12.75
CA ALA D 52 -32.18 -24.28 12.96
C ALA D 52 -32.51 -23.36 11.79
N GLN D 53 -31.74 -23.41 10.71
CA GLN D 53 -32.03 -22.66 9.49
C GLN D 53 -32.21 -23.58 8.30
N GLY D 54 -32.41 -24.88 8.54
CA GLY D 54 -32.61 -25.82 7.45
C GLY D 54 -31.35 -26.24 6.74
N ARG D 55 -30.25 -26.44 7.48
CA ARG D 55 -28.98 -26.78 6.87
C ARG D 55 -28.33 -27.92 7.65
N ARG D 56 -27.49 -28.69 6.95
CA ARG D 56 -26.70 -29.75 7.56
C ARG D 56 -25.39 -29.19 8.09
N ALA D 57 -24.99 -29.68 9.27
CA ALA D 57 -23.78 -29.23 9.95
C ALA D 57 -22.97 -30.44 10.40
N GLU D 58 -21.65 -30.38 10.22
CA GLU D 58 -20.74 -31.45 10.63
C GLU D 58 -19.55 -30.84 11.36
N ALA D 59 -19.17 -31.45 12.48
CA ALA D 59 -18.11 -30.93 13.32
C ALA D 59 -16.98 -31.96 13.44
N ILE D 60 -15.75 -31.46 13.62
CA ILE D 60 -14.60 -32.33 13.77
C ILE D 60 -13.51 -31.54 14.49
N HIS D 61 -12.64 -32.26 15.18
CA HIS D 61 -11.54 -31.64 15.91
C HIS D 61 -10.40 -31.29 14.96
N LEU D 62 -9.89 -30.06 15.07
CA LEU D 62 -8.74 -29.61 14.30
C LEU D 62 -7.71 -29.03 15.26
N ASP D 63 -6.58 -29.75 15.41
CA ASP D 63 -5.48 -29.30 16.26
C ASP D 63 -4.36 -28.78 15.37
N LEU D 64 -4.32 -27.45 15.19
CA LEU D 64 -3.32 -26.81 14.36
C LEU D 64 -1.98 -26.65 15.07
N SER D 65 -1.92 -26.93 16.37
CA SER D 65 -0.66 -26.88 17.11
C SER D 65 0.26 -28.05 16.81
N THR D 66 -0.17 -28.99 15.98
CA THR D 66 0.62 -30.17 15.63
C THR D 66 0.35 -30.51 14.17
N LEU D 67 1.29 -30.19 13.31
CA LEU D 67 1.17 -30.33 11.86
C LEU D 67 2.23 -31.29 11.34
N PRO D 68 2.04 -31.85 10.14
CA PRO D 68 0.94 -31.67 9.18
C PRO D 68 -0.23 -32.63 9.31
N GLN D 69 -0.14 -33.64 10.19
CA GLN D 69 -1.23 -34.60 10.29
C GLN D 69 -2.46 -33.98 10.95
N GLY D 70 -2.29 -32.94 11.75
CA GLY D 70 -3.44 -32.30 12.38
C GLY D 70 -4.41 -31.71 11.39
N ALA D 71 -3.92 -31.26 10.24
CA ALA D 71 -4.77 -30.70 9.20
C ALA D 71 -5.53 -31.75 8.40
N GLN D 72 -5.28 -33.04 8.64
CA GLN D 72 -5.99 -34.08 7.91
C GLN D 72 -7.48 -34.11 8.24
N ALA D 73 -7.88 -33.47 9.34
CA ALA D 73 -9.30 -33.39 9.70
C ALA D 73 -10.11 -32.69 8.61
N ILE D 74 -9.49 -31.86 7.79
CA ILE D 74 -10.19 -31.24 6.67
C ILE D 74 -10.52 -32.29 5.62
N GLU D 75 -9.60 -33.22 5.36
CA GLU D 75 -9.89 -34.29 4.41
C GLU D 75 -11.00 -35.20 4.92
N THR D 76 -11.07 -35.41 6.23
CA THR D 76 -12.17 -36.19 6.80
C THR D 76 -13.48 -35.45 6.67
N LEU D 77 -13.46 -34.13 6.92
CA LEU D 77 -14.69 -33.34 6.85
C LEU D 77 -15.23 -33.26 5.44
N ILE D 78 -14.35 -33.22 4.43
CA ILE D 78 -14.79 -33.24 3.03
C ILE D 78 -15.45 -34.57 2.70
N ALA D 79 -14.89 -35.66 3.22
CA ALA D 79 -15.42 -36.99 2.91
C ALA D 79 -16.85 -37.16 3.41
N ARG D 80 -17.22 -36.47 4.50
CA ARG D 80 -18.58 -36.57 5.01
C ARG D 80 -19.59 -35.94 4.05
N PHE D 81 -19.19 -34.85 3.39
CA PHE D 81 -20.09 -34.16 2.46
C PHE D 81 -19.93 -34.64 1.02
N GLY D 82 -18.79 -35.22 0.66
CA GLY D 82 -18.54 -35.62 -0.70
C GLY D 82 -18.08 -34.51 -1.62
N ARG D 83 -18.24 -33.25 -1.21
CA ARG D 83 -17.82 -32.12 -2.03
C ARG D 83 -17.41 -30.97 -1.12
N LEU D 84 -16.80 -29.96 -1.71
CA LEU D 84 -16.41 -28.75 -1.00
C LEU D 84 -16.40 -27.58 -1.97
N ASP D 85 -16.96 -26.46 -1.54
CA ASP D 85 -17.09 -25.28 -2.40
C ASP D 85 -16.35 -24.06 -1.86
N VAL D 86 -16.40 -23.80 -0.56
CA VAL D 86 -15.68 -22.67 0.01
C VAL D 86 -14.98 -23.11 1.29
N LEU D 87 -13.82 -22.51 1.55
CA LEU D 87 -13.09 -22.68 2.79
C LEU D 87 -12.81 -21.31 3.39
N VAL D 88 -13.11 -21.14 4.67
CA VAL D 88 -12.76 -19.92 5.40
C VAL D 88 -11.73 -20.29 6.47
N ASN D 89 -10.52 -19.76 6.32
CA ASN D 89 -9.45 -19.95 7.30
C ASN D 89 -9.55 -18.83 8.33
N ASN D 90 -10.17 -19.12 9.47
CA ASN D 90 -10.38 -18.14 10.51
C ASN D 90 -9.15 -18.06 11.42
N ALA D 91 -8.93 -16.88 11.99
CA ALA D 91 -7.76 -16.64 12.81
C ALA D 91 -7.94 -17.16 14.23
N GLY D 92 -6.83 -17.56 14.84
CA GLY D 92 -6.82 -17.94 16.24
C GLY D 92 -6.67 -16.73 17.14
N ALA D 93 -6.34 -17.01 18.40
CA ALA D 93 -6.20 -15.93 19.37
C ALA D 93 -4.88 -15.20 19.17
N MET D 94 -4.80 -13.99 19.73
CA MET D 94 -3.62 -13.15 19.66
C MET D 94 -2.94 -13.12 21.02
N THR D 95 -1.62 -13.30 21.03
CA THR D 95 -0.81 -13.24 22.24
C THR D 95 0.33 -12.26 22.04
N LYS D 96 0.66 -11.51 23.08
CA LYS D 96 1.69 -10.49 23.01
C LYS D 96 3.00 -11.00 23.60
N ALA D 97 4.10 -10.57 22.99
CA ALA D 97 5.44 -10.92 23.46
C ALA D 97 6.45 -9.91 22.96
N PRO D 98 7.17 -9.22 23.85
CA PRO D 98 8.18 -8.26 23.42
C PRO D 98 9.22 -8.89 22.51
N PHE D 99 9.79 -8.06 21.63
CA PHE D 99 10.66 -8.55 20.57
C PHE D 99 12.03 -8.96 21.09
N LEU D 100 12.61 -8.18 22.01
CA LEU D 100 14.01 -8.36 22.37
C LEU D 100 14.25 -9.73 23.00
N ASP D 101 13.30 -10.21 23.80
CA ASP D 101 13.51 -11.41 24.61
C ASP D 101 12.53 -12.53 24.24
N MET D 102 11.92 -12.47 23.07
CA MET D 102 10.93 -13.49 22.71
C MET D 102 11.64 -14.81 22.40
N PRO D 103 11.23 -15.92 23.00
CA PRO D 103 11.86 -17.21 22.70
C PRO D 103 11.60 -17.62 21.27
N PHE D 104 12.56 -18.38 20.71
CA PHE D 104 12.48 -18.76 19.30
C PHE D 104 11.33 -19.72 19.04
N ASP D 105 10.96 -20.53 20.03
CA ASP D 105 9.87 -21.48 19.82
C ASP D 105 8.51 -20.80 19.86
N ASP D 106 8.33 -19.78 20.72
CA ASP D 106 7.09 -19.02 20.72
C ASP D 106 6.90 -18.30 19.40
N TRP D 107 7.99 -17.80 18.82
CA TRP D 107 7.94 -17.18 17.50
C TRP D 107 7.48 -18.19 16.46
N ARG D 108 8.07 -19.39 16.46
CA ARG D 108 7.66 -20.40 15.49
C ARG D 108 6.26 -20.93 15.77
N ASN D 109 5.85 -20.98 17.04
CA ASN D 109 4.50 -21.46 17.34
C ASN D 109 3.44 -20.51 16.79
N ILE D 110 3.69 -19.20 16.86
CA ILE D 110 2.73 -18.24 16.34
C ILE D 110 2.58 -18.42 14.84
N PHE D 111 3.68 -18.68 14.13
CA PHE D 111 3.59 -18.94 12.71
C PHE D 111 2.85 -20.23 12.41
N THR D 112 2.95 -21.23 13.29
CA THR D 112 2.21 -22.47 13.09
C THR D 112 0.71 -22.23 13.12
N VAL D 113 0.22 -21.53 14.14
CA VAL D 113 -1.21 -21.38 14.31
C VAL D 113 -1.78 -20.32 13.37
N ASP D 114 -0.98 -19.35 12.95
CA ASP D 114 -1.49 -18.20 12.22
C ASP D 114 -1.21 -18.24 10.72
N VAL D 115 -0.38 -19.15 10.22
CA VAL D 115 -0.23 -19.23 8.77
C VAL D 115 0.03 -20.66 8.31
N ASP D 116 0.74 -21.46 9.11
CA ASP D 116 0.98 -22.85 8.73
C ASP D 116 -0.32 -23.64 8.63
N GLY D 117 -1.23 -23.43 9.59
CA GLY D 117 -2.52 -24.09 9.52
C GLY D 117 -3.31 -23.73 8.28
N ALA D 118 -3.38 -22.43 7.96
CA ALA D 118 -4.15 -22.01 6.80
C ALA D 118 -3.51 -22.52 5.52
N PHE D 119 -2.18 -22.65 5.50
CA PHE D 119 -1.50 -23.18 4.33
C PHE D 119 -1.93 -24.61 4.06
N LEU D 120 -1.85 -25.47 5.08
CA LEU D 120 -2.17 -26.88 4.88
C LEU D 120 -3.64 -27.08 4.56
N CYS D 121 -4.52 -26.37 5.27
CA CYS D 121 -5.95 -26.47 4.99
C CYS D 121 -6.26 -26.01 3.57
N SER D 122 -5.60 -24.95 3.10
CA SER D 122 -5.87 -24.45 1.75
C SER D 122 -5.35 -25.40 0.68
N GLN D 123 -4.26 -26.11 0.95
CA GLN D 123 -3.83 -27.15 0.01
C GLN D 123 -4.90 -28.22 -0.13
N ILE D 124 -5.43 -28.69 1.00
CA ILE D 124 -6.42 -29.77 0.98
C ILE D 124 -7.68 -29.30 0.25
N ALA D 125 -8.19 -28.12 0.62
CA ALA D 125 -9.40 -27.60 -0.01
C ALA D 125 -9.20 -27.38 -1.51
N ALA D 126 -8.07 -26.79 -1.90
CA ALA D 126 -7.87 -26.42 -3.30
C ALA D 126 -7.79 -27.65 -4.19
N ARG D 127 -7.12 -28.71 -3.72
CA ARG D 127 -7.05 -29.93 -4.52
C ARG D 127 -8.44 -30.47 -4.84
N LYS D 128 -9.30 -30.56 -3.83
CA LYS D 128 -10.65 -31.08 -4.05
C LYS D 128 -11.44 -30.18 -5.00
N MET D 129 -11.25 -28.85 -4.89
CA MET D 129 -11.94 -27.95 -5.81
C MET D 129 -11.46 -28.11 -7.24
N VAL D 130 -10.20 -28.55 -7.43
CA VAL D 130 -9.71 -28.81 -8.78
C VAL D 130 -10.31 -30.09 -9.33
N GLU D 131 -10.49 -31.11 -8.48
CA GLU D 131 -11.14 -32.35 -8.91
C GLU D 131 -12.54 -32.08 -9.42
N GLN D 132 -13.35 -31.35 -8.64
CA GLN D 132 -14.73 -31.09 -9.03
C GLN D 132 -14.82 -30.24 -10.29
N GLY D 133 -13.85 -29.37 -10.51
CA GLY D 133 -13.86 -28.49 -11.67
C GLY D 133 -15.01 -27.51 -11.71
N GLU D 134 -15.62 -27.21 -10.56
CA GLU D 134 -16.75 -26.31 -10.49
C GLU D 134 -16.41 -25.01 -9.77
N GLY D 135 -15.14 -24.61 -9.77
CA GLY D 135 -14.71 -23.41 -9.08
C GLY D 135 -14.66 -23.61 -7.58
N GLY D 136 -14.28 -22.53 -6.89
CA GLY D 136 -14.19 -22.57 -5.43
C GLY D 136 -13.90 -21.19 -4.86
N ARG D 137 -14.02 -21.11 -3.54
CA ARG D 137 -13.73 -19.88 -2.80
C ARG D 137 -12.89 -20.21 -1.58
N ILE D 138 -11.85 -19.42 -1.35
CA ILE D 138 -11.05 -19.50 -0.12
C ILE D 138 -10.91 -18.10 0.44
N VAL D 139 -11.28 -17.92 1.71
CA VAL D 139 -11.23 -16.62 2.37
C VAL D 139 -10.41 -16.78 3.65
N ASN D 140 -9.31 -16.04 3.75
CA ASN D 140 -8.45 -16.05 4.92
C ASN D 140 -8.76 -14.84 5.79
N ILE D 141 -9.05 -15.08 7.06
CA ILE D 141 -9.28 -13.99 8.02
C ILE D 141 -7.93 -13.57 8.57
N THR D 142 -7.44 -12.40 8.14
CA THR D 142 -6.17 -11.89 8.64
C THR D 142 -6.41 -10.90 9.77
N SER D 143 -6.02 -9.64 9.56
CA SER D 143 -6.14 -8.58 10.54
C SER D 143 -5.67 -7.30 9.88
N VAL D 144 -6.05 -6.16 10.46
CA VAL D 144 -5.42 -4.91 10.05
C VAL D 144 -3.90 -4.98 10.21
N HIS D 145 -3.42 -5.87 11.08
CA HIS D 145 -1.99 -6.01 11.29
C HIS D 145 -1.34 -6.91 10.24
N GLU D 146 -2.10 -7.30 9.22
CA GLU D 146 -1.50 -7.70 7.96
C GLU D 146 -0.82 -6.51 7.27
N HIS D 147 -1.18 -5.29 7.65
CA HIS D 147 -0.70 -4.07 7.01
C HIS D 147 0.03 -3.10 7.93
N THR D 148 -0.26 -3.12 9.23
CA THR D 148 0.32 -2.14 10.14
C THR D 148 0.71 -2.84 11.44
N PRO D 149 1.80 -2.43 12.09
CA PRO D 149 2.29 -3.22 13.22
C PRO D 149 1.40 -3.10 14.45
N LEU D 150 1.33 -4.20 15.21
CA LEU D 150 0.70 -4.20 16.52
C LEU D 150 1.79 -4.12 17.58
N PRO D 151 1.82 -3.10 18.43
CA PRO D 151 2.89 -3.01 19.44
C PRO D 151 2.94 -4.24 20.33
N GLU D 152 4.17 -4.71 20.58
CA GLU D 152 4.45 -5.86 21.44
C GLU D 152 3.91 -7.16 20.86
N ALA D 153 3.74 -7.22 19.55
CA ALA D 153 3.24 -8.42 18.89
C ALA D 153 3.88 -8.54 17.51
N SER D 154 5.21 -8.62 17.49
CA SER D 154 5.93 -8.69 16.21
C SER D 154 5.68 -10.02 15.50
N ALA D 155 5.61 -11.12 16.25
CA ALA D 155 5.37 -12.42 15.62
C ALA D 155 3.97 -12.51 15.04
N TYR D 156 2.98 -12.01 15.78
CA TYR D 156 1.62 -11.97 15.27
C TYR D 156 1.53 -11.09 14.03
N THR D 157 2.19 -9.94 14.05
CA THR D 157 2.21 -9.05 12.89
C THR D 157 2.89 -9.72 11.71
N ALA D 158 4.09 -10.28 11.92
CA ALA D 158 4.81 -10.93 10.83
C ALA D 158 3.99 -12.08 10.24
N ALA D 159 3.28 -12.83 11.09
CA ALA D 159 2.53 -13.98 10.58
C ALA D 159 1.30 -13.52 9.81
N LYS D 160 0.64 -12.44 10.26
CA LYS D 160 -0.48 -11.89 9.51
C LYS D 160 -0.04 -11.37 8.14
N HIS D 161 1.12 -10.71 8.09
CA HIS D 161 1.68 -10.33 6.79
C HIS D 161 1.90 -11.55 5.92
N ALA D 162 2.48 -12.61 6.49
CA ALA D 162 2.75 -13.84 5.76
C ALA D 162 1.46 -14.42 5.17
N LEU D 163 0.40 -14.47 5.97
CA LEU D 163 -0.88 -14.96 5.46
C LEU D 163 -1.44 -14.03 4.39
N GLY D 164 -1.19 -12.73 4.51
CA GLY D 164 -1.53 -11.82 3.43
C GLY D 164 -0.79 -12.14 2.14
N GLY D 165 0.49 -12.50 2.25
CA GLY D 165 1.25 -12.87 1.06
C GLY D 165 0.77 -14.19 0.47
N LEU D 166 0.48 -15.17 1.32
CA LEU D 166 -0.05 -16.44 0.84
C LEU D 166 -1.39 -16.24 0.12
N THR D 167 -2.21 -15.31 0.59
CA THR D 167 -3.49 -15.05 -0.07
C THR D 167 -3.28 -14.59 -1.49
N LYS D 168 -2.33 -13.68 -1.72
CA LYS D 168 -2.08 -13.19 -3.08
C LYS D 168 -1.52 -14.28 -3.97
N SER D 169 -0.59 -15.08 -3.43
CA SER D 169 0.02 -16.16 -4.19
C SER D 169 -1.02 -17.22 -4.56
N MET D 170 -1.83 -17.65 -3.60
CA MET D 170 -2.87 -18.64 -3.90
C MET D 170 -3.80 -18.13 -4.97
N ALA D 171 -4.24 -16.87 -4.85
CA ALA D 171 -5.20 -16.35 -5.82
C ALA D 171 -4.62 -16.35 -7.23
N LEU D 172 -3.32 -16.14 -7.37
CA LEU D 172 -2.69 -16.09 -8.69
C LEU D 172 -2.53 -17.48 -9.28
N GLU D 173 -2.10 -18.46 -8.48
CA GLU D 173 -1.88 -19.81 -8.99
C GLU D 173 -3.18 -20.59 -9.20
N LEU D 174 -4.25 -20.24 -8.50
CA LEU D 174 -5.49 -20.99 -8.55
C LEU D 174 -6.53 -20.35 -9.46
N VAL D 175 -6.17 -19.31 -10.19
CA VAL D 175 -7.18 -18.50 -10.88
C VAL D 175 -7.69 -19.21 -12.13
N GLN D 176 -6.88 -20.05 -12.76
N GLN D 176 -6.88 -20.05 -12.77
CA GLN D 176 -7.35 -20.78 -13.93
CA GLN D 176 -7.32 -20.79 -13.94
C GLN D 176 -8.36 -21.86 -13.57
C GLN D 176 -8.29 -21.92 -13.59
N HIS D 177 -8.42 -22.27 -12.31
CA HIS D 177 -9.44 -23.21 -11.86
C HIS D 177 -10.66 -22.51 -11.31
N ASN D 178 -10.74 -21.19 -11.48
CA ASN D 178 -11.83 -20.38 -10.94
C ASN D 178 -11.96 -20.53 -9.43
N ILE D 179 -10.83 -20.68 -8.75
CA ILE D 179 -10.79 -20.66 -7.28
C ILE D 179 -10.33 -19.27 -6.87
N LEU D 180 -11.26 -18.49 -6.30
CA LEU D 180 -10.99 -17.10 -5.94
C LEU D 180 -10.57 -17.02 -4.47
N VAL D 181 -9.43 -16.37 -4.22
CA VAL D 181 -8.83 -16.34 -2.88
C VAL D 181 -8.71 -14.89 -2.44
N ASN D 182 -9.31 -14.56 -1.30
CA ASN D 182 -9.29 -13.21 -0.77
C ASN D 182 -9.03 -13.25 0.74
N ALA D 183 -8.72 -12.09 1.30
CA ALA D 183 -8.61 -11.94 2.74
C ALA D 183 -9.56 -10.86 3.22
N VAL D 184 -10.04 -11.05 4.44
CA VAL D 184 -10.76 -10.02 5.18
C VAL D 184 -9.92 -9.68 6.39
N ALA D 185 -9.60 -8.39 6.56
CA ALA D 185 -8.70 -7.91 7.59
C ALA D 185 -9.48 -7.13 8.63
N PRO D 186 -9.93 -7.78 9.71
CA PRO D 186 -10.71 -7.08 10.73
C PRO D 186 -9.85 -6.23 11.65
N GLY D 187 -10.47 -5.16 12.16
CA GLY D 187 -9.86 -4.40 13.23
C GLY D 187 -10.21 -4.96 14.59
N ALA D 188 -10.48 -4.10 15.56
CA ALA D 188 -10.86 -4.56 16.90
C ALA D 188 -12.26 -5.16 16.88
N ILE D 189 -12.36 -6.40 17.37
CA ILE D 189 -13.62 -7.14 17.43
C ILE D 189 -14.09 -7.19 18.87
N ALA D 190 -15.40 -7.05 19.06
CA ALA D 190 -15.98 -7.09 20.39
C ALA D 190 -15.94 -8.52 20.96
N THR D 191 -15.78 -8.61 22.28
CA THR D 191 -15.77 -9.89 22.97
C THR D 191 -17.15 -10.56 22.85
N PRO D 192 -17.20 -11.89 22.99
CA PRO D 192 -18.49 -12.58 22.82
C PRO D 192 -19.56 -12.15 23.82
N MET D 193 -19.18 -11.58 24.96
CA MET D 193 -20.18 -11.12 25.91
C MET D 193 -20.84 -9.83 25.43
N ASN D 194 -20.08 -8.94 24.81
CA ASN D 194 -20.58 -7.68 24.29
C ASN D 194 -21.08 -7.77 22.86
N ASP D 195 -21.04 -8.95 22.25
CA ASP D 195 -21.38 -9.12 20.85
C ASP D 195 -22.78 -9.73 20.68
N LYS D 202 -21.54 0.48 25.12
CA LYS D 202 -20.89 -0.10 23.95
C LYS D 202 -20.29 0.99 23.07
N GLU D 203 -21.02 2.09 22.91
CA GLU D 203 -20.58 3.18 22.05
C GLU D 203 -19.58 4.06 22.78
N GLY D 204 -18.57 4.52 22.03
CA GLY D 204 -17.54 5.40 22.57
C GLY D 204 -16.51 4.74 23.45
N SER D 205 -16.46 3.40 23.47
CA SER D 205 -15.55 2.68 24.36
C SER D 205 -14.11 2.64 23.88
N MET D 206 -13.84 2.97 22.62
CA MET D 206 -12.47 3.01 22.09
C MET D 206 -12.27 4.28 21.28
N PRO D 207 -12.10 5.42 21.95
CA PRO D 207 -11.96 6.69 21.22
C PRO D 207 -10.77 6.78 20.28
N ALA D 208 -9.75 5.92 20.45
CA ALA D 208 -8.61 5.96 19.55
C ALA D 208 -8.98 5.53 18.14
N ILE D 209 -10.01 4.69 18.00
CA ILE D 209 -10.53 4.28 16.70
C ILE D 209 -11.49 5.36 16.21
N PRO D 210 -11.48 5.70 14.91
CA PRO D 210 -12.42 6.74 14.43
C PRO D 210 -13.88 6.45 14.72
N LEU D 211 -14.37 5.24 14.45
CA LEU D 211 -15.74 4.91 14.81
C LEU D 211 -15.94 4.80 16.32
N ALA D 212 -14.86 4.89 17.11
CA ALA D 212 -14.93 4.98 18.57
C ALA D 212 -15.55 3.74 19.20
N ARG D 213 -15.44 2.57 18.58
CA ARG D 213 -15.97 1.34 19.15
C ARG D 213 -15.36 0.16 18.41
N PRO D 214 -15.34 -1.01 19.03
CA PRO D 214 -14.97 -2.22 18.29
C PRO D 214 -16.12 -2.69 17.42
N GLY D 215 -15.78 -3.55 16.46
CA GLY D 215 -16.77 -4.06 15.53
C GLY D 215 -17.49 -5.30 16.04
N TYR D 216 -18.73 -5.46 15.60
CA TYR D 216 -19.48 -6.69 15.89
C TYR D 216 -19.06 -7.78 14.91
N THR D 217 -19.22 -9.03 15.34
CA THR D 217 -18.81 -10.15 14.49
C THR D 217 -19.61 -10.20 13.20
N LYS D 218 -20.89 -9.78 13.26
CA LYS D 218 -21.69 -9.74 12.05
C LYS D 218 -21.14 -8.73 11.05
N GLU D 219 -20.57 -7.63 11.54
CA GLU D 219 -20.04 -6.60 10.65
C GLU D 219 -18.83 -7.09 9.86
N ILE D 220 -18.16 -8.14 10.33
CA ILE D 220 -17.04 -8.75 9.63
C ILE D 220 -17.47 -9.98 8.84
N ALA D 221 -18.30 -10.83 9.47
CA ALA D 221 -18.77 -12.05 8.83
C ALA D 221 -19.62 -11.76 7.60
N SER D 222 -20.36 -10.65 7.60
CA SER D 222 -21.19 -10.31 6.45
C SER D 222 -20.35 -10.12 5.18
N LEU D 223 -19.19 -9.46 5.29
CA LEU D 223 -18.34 -9.31 4.11
C LEU D 223 -17.69 -10.64 3.75
N VAL D 224 -17.31 -11.45 4.74
CA VAL D 224 -16.83 -12.79 4.46
C VAL D 224 -17.89 -13.59 3.71
N ALA D 225 -19.14 -13.50 4.17
CA ALA D 225 -20.21 -14.23 3.51
C ALA D 225 -20.41 -13.73 2.08
N TRP D 226 -20.28 -12.42 1.87
CA TRP D 226 -20.42 -11.88 0.52
C TRP D 226 -19.32 -12.40 -0.39
N LEU D 227 -18.08 -12.47 0.09
CA LEU D 227 -16.99 -12.97 -0.75
C LEU D 227 -17.17 -14.42 -1.14
N CYS D 228 -18.03 -15.16 -0.43
CA CYS D 228 -18.27 -16.56 -0.72
C CYS D 228 -19.45 -16.79 -1.66
N ASP D 229 -20.30 -15.78 -1.88
N ASP D 229 -20.31 -15.79 -1.87
CA ASP D 229 -21.50 -15.97 -2.68
CA ASP D 229 -21.52 -15.99 -2.66
C ASP D 229 -21.19 -15.74 -4.15
C ASP D 229 -21.19 -15.94 -4.15
N SER D 230 -22.22 -15.87 -4.99
CA SER D 230 -22.01 -15.91 -6.43
C SER D 230 -21.66 -14.54 -7.03
N ASP D 231 -22.07 -13.45 -6.37
CA ASP D 231 -21.80 -12.12 -6.92
C ASP D 231 -20.37 -11.66 -6.74
N ALA D 232 -19.57 -12.36 -5.94
CA ALA D 232 -18.16 -12.03 -5.76
C ALA D 232 -17.25 -12.77 -6.74
N SER D 233 -17.75 -13.10 -7.92
CA SER D 233 -17.05 -13.94 -8.88
C SER D 233 -15.98 -13.20 -9.68
N TYR D 234 -15.80 -11.89 -9.45
CA TYR D 234 -14.72 -11.15 -10.08
C TYR D 234 -13.69 -10.66 -9.06
N THR D 235 -13.81 -11.08 -7.81
CA THR D 235 -12.97 -10.57 -6.72
C THR D 235 -11.97 -11.65 -6.32
N THR D 236 -10.68 -11.37 -6.51
CA THR D 236 -9.67 -12.31 -6.06
C THR D 236 -8.38 -11.54 -5.77
N GLY D 237 -7.61 -12.06 -4.81
CA GLY D 237 -6.29 -11.52 -4.55
C GLY D 237 -6.26 -10.30 -3.67
N GLN D 238 -7.37 -9.96 -3.03
CA GLN D 238 -7.48 -8.71 -2.30
C GLN D 238 -7.62 -8.96 -0.80
N SER D 239 -7.37 -7.90 -0.04
CA SER D 239 -7.51 -7.88 1.41
C SER D 239 -8.51 -6.79 1.75
N PHE D 240 -9.70 -7.19 2.18
CA PHE D 240 -10.78 -6.25 2.49
C PHE D 240 -10.71 -5.89 3.97
N ILE D 241 -10.39 -4.63 4.25
CA ILE D 241 -10.18 -4.14 5.61
C ILE D 241 -11.49 -3.62 6.18
N VAL D 242 -11.92 -4.18 7.30
CA VAL D 242 -13.14 -3.79 8.01
C VAL D 242 -12.72 -3.40 9.42
N ASP D 243 -12.50 -2.11 9.65
CA ASP D 243 -11.79 -1.70 10.85
C ASP D 243 -12.32 -0.42 11.49
N GLY D 244 -13.46 0.10 11.03
CA GLY D 244 -13.97 1.33 11.62
C GLY D 244 -13.07 2.52 11.44
N GLY D 245 -12.25 2.53 10.40
CA GLY D 245 -11.33 3.62 10.16
C GLY D 245 -10.01 3.53 10.89
N PHE D 246 -9.74 2.39 11.55
CA PHE D 246 -8.46 2.14 12.21
C PHE D 246 -7.27 2.60 11.34
N MET D 247 -7.25 2.19 10.07
CA MET D 247 -6.12 2.52 9.19
C MET D 247 -6.02 3.99 8.88
N LEU D 248 -7.09 4.76 9.10
CA LEU D 248 -7.08 6.19 8.81
C LEU D 248 -6.43 6.99 9.93
N ALA D 249 -6.30 6.42 11.12
CA ALA D 249 -5.86 7.15 12.31
C ALA D 249 -4.33 7.20 12.35
N ASN D 250 -3.77 8.37 12.12
CA ASN D 250 -2.32 8.56 12.15
C ASN D 250 -2.00 9.53 13.29
N PRO D 251 -0.72 9.89 13.55
CA PRO D 251 -0.43 10.80 14.67
C PRO D 251 -1.18 12.13 14.65
N GLN D 252 -1.75 12.51 13.51
CA GLN D 252 -2.52 13.75 13.41
C GLN D 252 -3.98 13.59 13.80
N PHE D 253 -4.42 12.37 14.11
CA PHE D 253 -5.80 12.13 14.52
C PHE D 253 -5.99 12.54 15.97
N LYS D 254 -6.93 13.46 16.21
CA LYS D 254 -7.28 13.87 17.56
C LYS D 254 -8.67 13.35 17.90
N PRO D 255 -8.79 12.37 18.79
CA PRO D 255 -10.13 11.84 19.11
C PRO D 255 -11.02 12.91 19.72
N GLU D 256 -12.21 13.05 19.15
CA GLU D 256 -13.18 14.02 19.67
C GLU D 256 -13.81 13.50 20.96
C1 PEG E . -27.81 4.52 5.15
O1 PEG E . -27.40 5.66 5.88
C2 PEG E . -28.08 3.35 6.04
O2 PEG E . -28.63 2.28 5.28
C3 PEG E . -29.11 1.21 6.09
C4 PEG E . -29.90 0.26 5.25
O4 PEG E . -30.51 -0.75 6.03
C1 GOL F . -8.90 -22.54 22.74
O1 GOL F . -7.92 -23.47 23.20
C2 GOL F . -8.58 -22.01 21.36
O2 GOL F . -9.60 -21.13 20.91
C3 GOL F . -7.22 -21.33 21.27
O3 GOL F . -6.96 -20.86 19.95
#